data_4RWD
#
_entry.id   4RWD
#
_cell.length_a   156.230
_cell.length_b   89.290
_cell.length_c   96.420
_cell.angle_alpha   90.00
_cell.angle_beta   92.30
_cell.angle_gamma   90.00
#
_symmetry.space_group_name_H-M   'C 1 2 1'
#
loop_
_entity.id
_entity.type
_entity.pdbx_description
1 polymer 'Soluble cytochrome b562,Delta-type opioid receptor'
2 polymer 'bifunctional peptide'
3 non-polymer 'OLEIC ACID'
4 non-polymer 'SODIUM ION'
5 non-polymer '(2R)-2,3-dihydroxypropyl (9Z)-octadec-9-enoate'
6 water water
#
loop_
_entity_poly.entity_id
_entity_poly.type
_entity_poly.pdbx_seq_one_letter_code
_entity_poly.pdbx_strand_id
1 'polypeptide(L)'
;GGTTMADLEDNWETLNDNLKVIEKADNAAQVKDALTKMRAAALDAQKATPPKLEDKSPDSPEMKDFRHGFDILVGQIDDA
LKLANEGKVKEAQAAAEQLKTTRNAYIQKYLGARSASSLALAIAITALYSAVCAVGLLGNVLVMFGIVRYTKMKTATNIY
IFNLALADALATSTLPFQSAKYLMETWPFGELLCKAVLSIDYYNMFTSIFTLTMMSVDRYIAVCHPVKALDFRTPAKAKL
INICIWVLASGVGVPIMVMAVTRPRDGAVVCMLQFPSPSWYWDTVTKICVFLFAFVVPILIITVCYGLMLLRLRSVRLLS
GSKEKDRSLRRITRMVLVVVGAFVVCWAPIHIFVIVWTLVDIDRRDPLVVAALHLCIALGYANSSLNPVLYAFLDENFKR
CFRQLCRKPCG
;
A,B
2 'polypeptide(L)' (DI7)(DI8)FF(NH2) G,H
#
loop_
_chem_comp.id
_chem_comp.type
_chem_comp.name
_chem_comp.formula
NA non-polymer 'SODIUM ION' 'Na 1'
NH2 non-polymer 'AMINO GROUP' 'H2 N'
OLA non-polymer 'OLEIC ACID' 'C18 H34 O2'
OLC non-polymer '(2R)-2,3-dihydroxypropyl (9Z)-octadec-9-enoate' 'C21 H40 O4'
#
# COMPACT_ATOMS: atom_id res chain seq x y z
N ALA A 6 -0.56 -10.23 -13.02
CA ALA A 6 -0.46 -9.41 -14.27
C ALA A 6 -1.81 -9.26 -14.98
N ASP A 7 -1.83 -8.39 -15.98
CA ASP A 7 -3.00 -8.20 -16.83
C ASP A 7 -3.09 -9.32 -17.88
N LEU A 8 -1.96 -9.83 -18.39
CA LEU A 8 -1.97 -10.84 -19.44
C LEU A 8 -2.75 -12.10 -19.06
N GLU A 9 -2.43 -12.68 -17.91
CA GLU A 9 -3.11 -13.91 -17.45
C GLU A 9 -4.62 -13.66 -17.29
N ASP A 10 -5.00 -12.50 -16.76
CA ASP A 10 -6.43 -12.14 -16.67
C ASP A 10 -7.07 -12.06 -18.05
N ASN A 11 -6.47 -11.29 -18.96
CA ASN A 11 -6.94 -11.20 -20.34
C ASN A 11 -7.07 -12.56 -21.03
N TRP A 12 -6.14 -13.46 -20.74
CA TRP A 12 -6.14 -14.81 -21.29
C TRP A 12 -7.27 -15.65 -20.73
N GLU A 13 -7.55 -15.44 -19.44
CA GLU A 13 -8.63 -16.14 -18.78
C GLU A 13 -9.98 -15.68 -19.34
N THR A 14 -10.09 -14.38 -19.66
CA THR A 14 -11.36 -13.84 -20.17
C THR A 14 -11.63 -14.32 -21.60
N LEU A 15 -10.56 -14.43 -22.41
CA LEU A 15 -10.66 -15.07 -23.72
C LEU A 15 -11.22 -16.48 -23.64
N ASN A 16 -10.66 -17.30 -22.75
CA ASN A 16 -11.16 -18.66 -22.56
C ASN A 16 -12.58 -18.68 -22.08
N ASP A 17 -12.87 -17.83 -21.11
CA ASP A 17 -14.19 -17.82 -20.49
C ASP A 17 -15.27 -17.45 -21.50
N ASN A 18 -14.97 -16.49 -22.36
CA ASN A 18 -15.92 -16.05 -23.37
C ASN A 18 -16.06 -17.02 -24.54
N LEU A 19 -15.00 -17.78 -24.84
CA LEU A 19 -15.10 -18.88 -25.80
C LEU A 19 -16.08 -19.92 -25.34
N LYS A 20 -16.11 -20.16 -24.03
CA LYS A 20 -17.04 -21.12 -23.44
C LYS A 20 -18.49 -20.57 -23.49
N VAL A 21 -18.63 -19.25 -23.34
CA VAL A 21 -19.92 -18.58 -23.46
C VAL A 21 -20.46 -18.72 -24.89
N ILE A 22 -19.57 -18.59 -25.86
CA ILE A 22 -19.95 -18.69 -27.27
C ILE A 22 -20.41 -20.12 -27.61
N GLU A 23 -19.76 -21.13 -27.02
CA GLU A 23 -20.15 -22.52 -27.31
C GLU A 23 -21.59 -22.80 -26.90
N LYS A 24 -21.95 -22.40 -25.68
CA LYS A 24 -23.30 -22.65 -25.17
C LYS A 24 -24.08 -21.35 -25.18
N ALA A 25 -24.49 -20.93 -26.37
CA ALA A 25 -25.21 -19.68 -26.55
C ALA A 25 -26.41 -19.88 -27.45
N ASP A 26 -27.56 -19.35 -27.04
CA ASP A 26 -28.83 -19.47 -27.79
C ASP A 26 -28.92 -18.45 -28.91
N ASN A 27 -28.36 -17.26 -28.67
CA ASN A 27 -28.63 -16.11 -29.55
C ASN A 27 -27.40 -15.30 -29.88
N ALA A 28 -27.55 -14.45 -30.89
CA ALA A 28 -26.48 -13.62 -31.41
C ALA A 28 -26.03 -12.47 -30.47
N ALA A 29 -26.87 -12.07 -29.52
CA ALA A 29 -26.52 -11.01 -28.56
C ALA A 29 -25.42 -11.47 -27.59
N GLN A 30 -25.59 -12.68 -27.07
CA GLN A 30 -24.59 -13.32 -26.22
C GLN A 30 -23.27 -13.47 -26.95
N VAL A 31 -23.34 -13.92 -28.21
CA VAL A 31 -22.14 -14.14 -29.00
C VAL A 31 -21.42 -12.84 -29.29
N LYS A 32 -22.18 -11.83 -29.70
CA LYS A 32 -21.63 -10.51 -30.00
C LYS A 32 -20.94 -9.88 -28.79
N ASP A 33 -21.62 -9.94 -27.63
CA ASP A 33 -21.07 -9.42 -26.37
C ASP A 33 -19.80 -10.15 -25.96
N ALA A 34 -19.79 -11.47 -26.12
CA ALA A 34 -18.62 -12.26 -25.74
C ALA A 34 -17.45 -11.93 -26.64
N LEU A 35 -17.72 -11.86 -27.95
CA LEU A 35 -16.68 -11.54 -28.93
C LEU A 35 -16.09 -10.15 -28.72
N THR A 36 -16.93 -9.20 -28.31
CA THR A 36 -16.48 -7.83 -28.12
C THR A 36 -15.58 -7.72 -26.89
N LYS A 37 -15.92 -8.46 -25.83
CA LYS A 37 -15.07 -8.54 -24.66
C LYS A 37 -13.75 -9.20 -24.99
N MET A 38 -13.80 -10.29 -25.76
CA MET A 38 -12.57 -10.98 -26.18
C MET A 38 -11.63 -10.08 -26.96
N ARG A 39 -12.20 -9.18 -27.75
CA ARG A 39 -11.42 -8.26 -28.55
C ARG A 39 -10.68 -7.26 -27.68
N ALA A 40 -11.36 -6.71 -26.69
CA ALA A 40 -10.72 -5.81 -25.73
C ALA A 40 -9.59 -6.53 -25.00
N ALA A 41 -9.86 -7.73 -24.52
CA ALA A 41 -8.84 -8.54 -23.84
C ALA A 41 -7.65 -8.84 -24.76
N ALA A 42 -7.95 -9.14 -26.02
CA ALA A 42 -6.93 -9.46 -27.00
C ALA A 42 -6.02 -8.27 -27.25
N LEU A 43 -6.61 -7.08 -27.36
CA LEU A 43 -5.84 -5.86 -27.66
C LEU A 43 -4.96 -5.51 -26.48
N ASP A 44 -5.51 -5.74 -25.29
CA ASP A 44 -4.83 -5.51 -24.04
C ASP A 44 -3.69 -6.51 -23.90
N ALA A 45 -3.97 -7.78 -24.14
CA ALA A 45 -2.97 -8.86 -24.07
C ALA A 45 -1.77 -8.62 -24.98
N GLN A 46 -2.04 -8.03 -26.15
CA GLN A 46 -1.02 -7.78 -27.16
C GLN A 46 0.02 -6.74 -26.70
N LYS A 47 -0.39 -5.88 -25.76
CA LYS A 47 0.49 -4.87 -25.19
C LYS A 47 1.39 -5.42 -24.08
N ALA A 48 1.13 -6.63 -23.61
CA ALA A 48 1.90 -7.21 -22.52
C ALA A 48 3.20 -7.83 -23.03
N THR A 49 4.13 -8.02 -22.09
CA THR A 49 5.30 -8.84 -22.31
C THR A 49 5.07 -10.16 -21.60
N PRO A 50 5.01 -11.27 -22.37
CA PRO A 50 4.78 -12.53 -21.71
C PRO A 50 6.01 -12.95 -20.94
N PRO A 51 5.84 -13.77 -19.88
CA PRO A 51 6.96 -14.22 -19.05
C PRO A 51 8.09 -14.88 -19.80
N LYS A 52 7.79 -15.55 -20.91
CA LYS A 52 8.82 -16.25 -21.67
C LYS A 52 9.74 -15.33 -22.49
N LEU A 53 9.32 -14.08 -22.67
CA LEU A 53 10.08 -13.09 -23.44
C LEU A 53 10.43 -11.89 -22.57
N GLU A 54 10.56 -12.10 -21.27
CA GLU A 54 10.65 -11.00 -20.32
C GLU A 54 12.05 -10.38 -20.32
N ASP A 55 12.09 -9.04 -20.42
CA ASP A 55 13.30 -8.24 -20.65
C ASP A 55 13.91 -8.44 -22.04
N LYS A 56 13.18 -9.05 -22.97
CA LYS A 56 13.62 -9.04 -24.35
C LYS A 56 13.14 -7.74 -24.93
N SER A 57 13.79 -7.29 -25.99
CA SER A 57 13.48 -5.99 -26.57
C SER A 57 12.06 -6.04 -27.16
N PRO A 58 11.29 -4.94 -26.97
CA PRO A 58 9.94 -4.86 -27.56
C PRO A 58 9.90 -5.03 -29.08
N ASP A 59 11.03 -4.80 -29.76
CA ASP A 59 11.12 -4.91 -31.21
C ASP A 59 11.94 -6.12 -31.63
N SER A 60 11.96 -7.16 -30.80
CA SER A 60 12.67 -8.38 -31.13
C SER A 60 11.78 -9.31 -31.96
N PRO A 61 12.39 -10.21 -32.74
CA PRO A 61 11.62 -11.20 -33.50
C PRO A 61 10.55 -11.91 -32.69
N GLU A 62 10.88 -12.30 -31.46
CA GLU A 62 9.95 -13.06 -30.63
C GLU A 62 8.76 -12.19 -30.22
N MET A 63 9.04 -10.93 -29.89
CA MET A 63 7.98 -10.00 -29.51
C MET A 63 7.07 -9.61 -30.68
N LYS A 64 7.66 -9.35 -31.84
CA LYS A 64 6.91 -9.06 -33.06
C LYS A 64 5.99 -10.21 -33.45
N ASP A 65 6.52 -11.42 -33.37
CA ASP A 65 5.76 -12.62 -33.68
C ASP A 65 4.60 -12.81 -32.71
N PHE A 66 4.87 -12.58 -31.42
CA PHE A 66 3.87 -12.64 -30.37
C PHE A 66 2.73 -11.66 -30.62
N ARG A 67 3.08 -10.40 -30.82
CA ARG A 67 2.08 -9.37 -31.16
C ARG A 67 1.34 -9.71 -32.46
N HIS A 68 2.06 -10.18 -33.47
CA HIS A 68 1.43 -10.52 -34.75
C HIS A 68 0.32 -11.56 -34.56
N GLY A 69 0.56 -12.54 -33.68
CA GLY A 69 -0.43 -13.56 -33.37
C GLY A 69 -1.76 -12.98 -32.93
N PHE A 70 -1.71 -11.89 -32.17
CA PHE A 70 -2.93 -11.23 -31.70
C PHE A 70 -3.62 -10.38 -32.77
N ASP A 71 -2.86 -9.88 -33.75
CA ASP A 71 -3.47 -9.23 -34.91
C ASP A 71 -4.36 -10.22 -35.67
N ILE A 72 -3.91 -11.47 -35.73
CA ILE A 72 -4.62 -12.53 -36.41
C ILE A 72 -5.87 -12.93 -35.64
N LEU A 73 -5.72 -13.08 -34.33
CA LEU A 73 -6.86 -13.37 -33.46
C LEU A 73 -7.94 -12.29 -33.61
N VAL A 74 -7.54 -11.04 -33.51
CA VAL A 74 -8.45 -9.91 -33.61
C VAL A 74 -9.16 -9.91 -34.96
N GLY A 75 -8.42 -10.17 -36.02
CA GLY A 75 -9.01 -10.28 -37.35
C GLY A 75 -10.08 -11.34 -37.44
N GLN A 76 -9.86 -12.46 -36.76
CA GLN A 76 -10.83 -13.55 -36.71
C GLN A 76 -12.01 -13.22 -35.80
N ILE A 77 -11.75 -12.53 -34.70
CA ILE A 77 -12.84 -12.03 -33.84
C ILE A 77 -13.74 -11.10 -34.63
N ASP A 78 -13.14 -10.22 -35.41
CA ASP A 78 -13.89 -9.30 -36.27
C ASP A 78 -14.77 -10.01 -37.30
N ASP A 79 -14.28 -11.10 -37.88
CA ASP A 79 -15.05 -11.86 -38.88
C ASP A 79 -16.20 -12.55 -38.20
N ALA A 80 -15.90 -13.19 -37.07
CA ALA A 80 -16.92 -13.86 -36.26
C ALA A 80 -18.02 -12.88 -35.79
N LEU A 81 -17.60 -11.67 -35.44
CA LEU A 81 -18.52 -10.63 -35.02
C LEU A 81 -19.39 -10.13 -36.19
N LYS A 82 -18.78 -10.04 -37.37
CA LYS A 82 -19.49 -9.71 -38.60
C LYS A 82 -20.62 -10.69 -38.84
N LEU A 83 -20.30 -11.98 -38.71
CA LEU A 83 -21.27 -13.05 -38.87
C LEU A 83 -22.38 -12.94 -37.82
N ALA A 84 -22.01 -12.78 -36.56
CA ALA A 84 -22.98 -12.67 -35.47
C ALA A 84 -23.95 -11.50 -35.69
N ASN A 85 -23.42 -10.37 -36.18
CA ASN A 85 -24.26 -9.22 -36.50
C ASN A 85 -25.24 -9.46 -37.65
N GLU A 86 -24.92 -10.39 -38.52
CA GLU A 86 -25.82 -10.76 -39.61
C GLU A 86 -26.83 -11.81 -39.16
N GLY A 87 -26.83 -12.18 -37.88
CA GLY A 87 -27.76 -13.16 -37.34
C GLY A 87 -27.26 -14.60 -37.39
N LYS A 88 -26.17 -14.82 -38.12
CA LYS A 88 -25.60 -16.16 -38.33
C LYS A 88 -24.86 -16.65 -37.08
N VAL A 89 -25.63 -17.12 -36.12
CA VAL A 89 -25.10 -17.55 -34.84
C VAL A 89 -24.15 -18.73 -34.99
N LYS A 90 -24.62 -19.80 -35.60
CA LYS A 90 -23.85 -21.04 -35.71
C LYS A 90 -22.55 -20.89 -36.50
N GLU A 91 -22.54 -20.02 -37.50
CA GLU A 91 -21.32 -19.75 -38.24
C GLU A 91 -20.36 -18.94 -37.39
N ALA A 92 -20.91 -18.04 -36.57
CA ALA A 92 -20.11 -17.28 -35.64
C ALA A 92 -19.50 -18.21 -34.60
N GLN A 93 -20.31 -19.16 -34.12
CA GLN A 93 -19.84 -20.18 -33.19
C GLN A 93 -18.73 -21.04 -33.79
N ALA A 94 -18.89 -21.37 -35.06
CA ALA A 94 -17.89 -22.13 -35.79
C ALA A 94 -16.63 -21.31 -35.98
N ALA A 95 -16.78 -20.03 -36.30
CA ALA A 95 -15.63 -19.14 -36.45
C ALA A 95 -14.87 -19.01 -35.14
N ALA A 96 -15.60 -18.98 -34.03
CA ALA A 96 -14.99 -18.87 -32.71
C ALA A 96 -14.24 -20.14 -32.34
N GLU A 97 -14.72 -21.30 -32.78
CA GLU A 97 -13.99 -22.55 -32.57
C GLU A 97 -12.62 -22.48 -33.27
N GLN A 98 -12.55 -21.75 -34.39
CA GLN A 98 -11.28 -21.55 -35.11
C GLN A 98 -10.27 -20.67 -34.38
N LEU A 99 -10.74 -19.71 -33.60
CA LEU A 99 -9.87 -18.88 -32.76
C LEU A 99 -9.03 -19.74 -31.84
N LYS A 100 -9.72 -20.67 -31.18
CA LYS A 100 -9.10 -21.61 -30.25
C LYS A 100 -7.91 -22.34 -30.89
N THR A 101 -8.08 -22.78 -32.12
CA THR A 101 -7.00 -23.44 -32.86
C THR A 101 -5.84 -22.50 -33.09
N THR A 102 -6.14 -21.35 -33.69
CA THR A 102 -5.15 -20.31 -34.00
C THR A 102 -4.39 -19.89 -32.73
N ARG A 103 -5.16 -19.58 -31.70
CA ARG A 103 -4.62 -19.19 -30.40
C ARG A 103 -3.63 -20.22 -29.88
N ASN A 104 -4.08 -21.48 -29.83
CA ASN A 104 -3.21 -22.57 -29.37
C ASN A 104 -1.99 -22.76 -30.27
N ALA A 105 -2.18 -22.66 -31.58
CA ALA A 105 -1.12 -22.97 -32.54
C ALA A 105 -0.04 -21.88 -32.64
N TYR A 106 -0.39 -20.64 -32.31
CA TYR A 106 0.51 -19.50 -32.58
C TYR A 106 0.84 -18.61 -31.40
N ILE A 107 -0.02 -18.59 -30.39
CA ILE A 107 0.20 -17.76 -29.21
C ILE A 107 0.59 -18.59 -28.00
N GLN A 108 -0.02 -19.77 -27.86
CA GLN A 108 0.20 -20.66 -26.71
C GLN A 108 1.65 -20.78 -26.23
N LYS A 109 2.57 -20.98 -27.18
CA LYS A 109 3.99 -21.14 -26.86
C LYS A 109 4.55 -20.04 -25.95
N TYR A 110 4.08 -18.82 -26.14
CA TYR A 110 4.61 -17.66 -25.43
C TYR A 110 4.11 -17.53 -23.99
N LEU A 111 2.98 -18.16 -23.72
CA LEU A 111 2.43 -18.17 -22.37
C LEU A 111 2.90 -19.42 -21.68
N GLY A 112 2.70 -19.52 -20.38
CA GLY A 112 3.03 -20.74 -19.66
C GLY A 112 3.85 -20.50 -18.42
N ALA A 113 5.02 -19.88 -18.58
CA ALA A 113 6.00 -19.80 -17.49
C ALA A 113 5.59 -18.83 -16.38
N ARG A 114 6.29 -18.92 -15.24
CA ARG A 114 6.16 -17.90 -14.21
C ARG A 114 7.15 -16.79 -14.54
N SER A 115 6.87 -15.59 -14.02
CA SER A 115 7.72 -14.43 -14.26
C SER A 115 8.92 -14.42 -13.31
N ALA A 116 9.88 -13.55 -13.59
CA ALA A 116 11.03 -13.40 -12.71
C ALA A 116 10.61 -13.00 -11.30
N SER A 117 9.61 -12.12 -11.19
CA SER A 117 9.10 -11.69 -9.89
C SER A 117 8.54 -12.87 -9.12
N SER A 118 7.83 -13.74 -9.83
CA SER A 118 7.27 -14.94 -9.24
C SER A 118 8.37 -15.86 -8.71
N LEU A 119 9.39 -16.12 -9.53
CA LEU A 119 10.55 -16.89 -9.11
C LEU A 119 11.29 -16.20 -7.95
N ALA A 120 11.38 -14.87 -7.99
CA ALA A 120 12.01 -14.11 -6.91
C ALA A 120 11.32 -14.38 -5.59
N LEU A 121 9.98 -14.40 -5.63
CA LEU A 121 9.17 -14.69 -4.45
C LEU A 121 9.46 -16.09 -3.91
N ALA A 122 9.58 -17.06 -4.80
CA ALA A 122 9.85 -18.43 -4.40
C ALA A 122 11.22 -18.55 -3.74
N ILE A 123 12.20 -17.80 -4.25
CA ILE A 123 13.55 -17.82 -3.71
C ILE A 123 13.60 -17.16 -2.32
N ALA A 124 12.93 -16.01 -2.18
CA ALA A 124 12.90 -15.30 -0.91
C ALA A 124 12.21 -16.13 0.18
N ILE A 125 11.08 -16.74 -0.17
CA ILE A 125 10.37 -17.65 0.72
C ILE A 125 11.25 -18.83 1.12
N THR A 126 11.94 -19.41 0.14
CA THR A 126 12.83 -20.53 0.42
C THR A 126 13.96 -20.10 1.37
N ALA A 127 14.45 -18.87 1.18
CA ALA A 127 15.47 -18.33 2.08
C ALA A 127 14.95 -18.27 3.51
N LEU A 128 13.82 -17.59 3.70
CA LEU A 128 13.23 -17.40 5.03
C LEU A 128 12.83 -18.71 5.69
N TYR A 129 12.18 -19.60 4.93
CA TYR A 129 11.75 -20.89 5.46
C TYR A 129 12.94 -21.72 5.93
N SER A 130 14.06 -21.63 5.20
CA SER A 130 15.26 -22.37 5.56
C SER A 130 15.82 -21.87 6.87
N ALA A 131 15.90 -20.55 7.02
CA ALA A 131 16.43 -19.94 8.24
C ALA A 131 15.54 -20.32 9.42
N VAL A 132 14.24 -20.18 9.21
CA VAL A 132 13.25 -20.56 10.22
C VAL A 132 13.38 -22.04 10.56
N CYS A 133 13.40 -22.91 9.55
CA CYS A 133 13.54 -24.34 9.81
C CYS A 133 14.76 -24.62 10.68
N ALA A 134 15.93 -24.08 10.29
CA ALA A 134 17.19 -24.34 11.01
C ALA A 134 17.16 -23.92 12.48
N VAL A 135 16.78 -22.68 12.73
CA VAL A 135 16.74 -22.14 14.08
C VAL A 135 15.61 -22.78 14.85
N GLY A 136 14.46 -22.93 14.21
CA GLY A 136 13.28 -23.48 14.85
C GLY A 136 13.43 -24.93 15.24
N LEU A 137 13.91 -25.74 14.30
CA LEU A 137 14.00 -27.19 14.50
C LEU A 137 15.08 -27.55 15.49
N LEU A 138 16.25 -26.94 15.35
CA LEU A 138 17.36 -27.16 16.26
C LEU A 138 16.98 -26.65 17.64
N GLY A 139 16.46 -25.43 17.68
CA GLY A 139 16.09 -24.74 18.93
C GLY A 139 15.07 -25.46 19.80
N ASN A 140 14.01 -25.96 19.17
CA ASN A 140 12.95 -26.66 19.91
C ASN A 140 13.32 -28.11 20.26
N VAL A 141 14.17 -28.73 19.44
CA VAL A 141 14.69 -30.05 19.80
C VAL A 141 15.60 -29.94 21.02
N LEU A 142 16.38 -28.87 21.10
CA LEU A 142 17.15 -28.57 22.31
C LEU A 142 16.26 -28.37 23.55
N VAL A 143 15.20 -27.58 23.41
CA VAL A 143 14.28 -27.36 24.53
C VAL A 143 13.70 -28.69 25.04
N MET A 144 13.19 -29.51 24.14
CA MET A 144 12.60 -30.80 24.51
C MET A 144 13.62 -31.72 25.18
N PHE A 145 14.83 -31.75 24.65
CA PHE A 145 15.89 -32.57 25.22
C PHE A 145 16.24 -32.09 26.63
N GLY A 146 16.32 -30.77 26.81
CA GLY A 146 16.63 -30.17 28.11
C GLY A 146 15.58 -30.45 29.18
N ILE A 147 14.31 -30.38 28.79
CA ILE A 147 13.22 -30.65 29.73
C ILE A 147 13.22 -32.12 30.21
N VAL A 148 13.50 -33.04 29.31
CA VAL A 148 13.53 -34.47 29.64
C VAL A 148 14.77 -34.83 30.46
N ARG A 149 15.92 -34.35 30.00
CA ARG A 149 17.23 -34.76 30.55
C ARG A 149 17.50 -34.31 31.99
N TYR A 150 16.94 -33.18 32.42
CA TYR A 150 17.31 -32.56 33.69
C TYR A 150 16.19 -32.54 34.73
N THR A 151 16.50 -33.08 35.92
CA THR A 151 15.63 -33.04 37.11
C THR A 151 15.04 -31.65 37.38
N LYS A 152 15.91 -30.65 37.47
CA LYS A 152 15.50 -29.27 37.80
C LYS A 152 14.47 -28.67 36.83
N MET A 153 14.34 -29.27 35.65
CA MET A 153 13.41 -28.79 34.63
C MET A 153 11.96 -29.29 34.77
N LYS A 154 11.77 -30.42 35.44
CA LYS A 154 10.42 -30.97 35.60
C LYS A 154 9.50 -30.06 36.45
N THR A 155 8.86 -29.11 35.78
CA THR A 155 7.90 -28.18 36.42
C THR A 155 6.64 -28.10 35.55
N ALA A 156 5.51 -27.75 36.16
CA ALA A 156 4.25 -27.66 35.44
C ALA A 156 4.38 -26.73 34.24
N THR A 157 4.93 -25.54 34.46
CA THR A 157 5.13 -24.56 33.41
C THR A 157 6.00 -25.08 32.26
N ASN A 158 7.07 -25.81 32.61
CA ASN A 158 7.97 -26.39 31.60
C ASN A 158 7.40 -27.57 30.83
N ILE A 159 6.44 -28.30 31.41
CA ILE A 159 5.77 -29.37 30.68
C ILE A 159 4.90 -28.76 29.59
N TYR A 160 4.24 -27.64 29.90
CA TYR A 160 3.49 -26.90 28.89
C TYR A 160 4.42 -26.40 27.77
N ILE A 161 5.59 -25.90 28.16
CA ILE A 161 6.58 -25.45 27.21
C ILE A 161 7.01 -26.61 26.29
N PHE A 162 7.16 -27.79 26.85
CA PHE A 162 7.47 -28.99 26.07
C PHE A 162 6.47 -29.17 24.91
N ASN A 163 5.19 -28.94 25.21
CA ASN A 163 4.13 -29.07 24.20
C ASN A 163 4.26 -28.04 23.07
N LEU A 164 4.66 -26.82 23.43
CA LEU A 164 4.89 -25.77 22.43
C LEU A 164 6.07 -26.17 21.53
N ALA A 165 7.15 -26.60 22.16
CA ALA A 165 8.34 -27.04 21.44
C ALA A 165 8.05 -28.19 20.47
N LEU A 166 7.20 -29.13 20.89
CA LEU A 166 6.80 -30.26 20.04
C LEU A 166 6.02 -29.80 18.82
N ALA A 167 5.03 -28.93 19.05
CA ALA A 167 4.26 -28.38 17.94
C ALA A 167 5.17 -27.60 16.99
N ASP A 168 6.08 -26.81 17.55
CA ASP A 168 7.01 -25.99 16.76
C ASP A 168 8.07 -26.81 16.02
N ALA A 169 8.54 -27.89 16.64
CA ALA A 169 9.47 -28.81 15.99
C ALA A 169 8.80 -29.42 14.76
N LEU A 170 7.56 -29.85 14.92
CA LEU A 170 6.80 -30.48 13.85
C LEU A 170 6.50 -29.49 12.73
N ALA A 171 6.03 -28.31 13.09
CA ALA A 171 5.68 -27.30 12.11
C ALA A 171 6.88 -26.94 11.24
N THR A 172 8.02 -26.71 11.88
CA THR A 172 9.23 -26.30 11.16
C THR A 172 9.79 -27.42 10.29
N SER A 173 9.54 -28.66 10.68
CA SER A 173 10.00 -29.80 9.89
C SER A 173 9.35 -29.86 8.50
N THR A 174 8.15 -29.26 8.35
CA THR A 174 7.45 -29.23 7.06
C THR A 174 7.96 -28.17 6.05
N LEU A 175 8.74 -27.21 6.51
CA LEU A 175 9.09 -26.03 5.71
C LEU A 175 9.94 -26.34 4.47
N PRO A 176 10.93 -27.24 4.59
CA PRO A 176 11.72 -27.60 3.41
C PRO A 176 10.87 -28.18 2.29
N PHE A 177 9.82 -28.91 2.66
CA PHE A 177 8.94 -29.55 1.69
C PHE A 177 8.08 -28.48 1.03
N GLN A 178 7.54 -27.60 1.84
CA GLN A 178 6.78 -26.46 1.33
C GLN A 178 7.64 -25.58 0.41
N SER A 179 8.90 -25.33 0.80
CA SER A 179 9.83 -24.55 -0.03
C SER A 179 10.02 -25.18 -1.40
N ALA A 180 10.25 -26.48 -1.40
CA ALA A 180 10.47 -27.23 -2.63
C ALA A 180 9.28 -27.08 -3.55
N LYS A 181 8.08 -27.18 -2.99
CA LYS A 181 6.87 -26.99 -3.76
C LYS A 181 6.91 -25.63 -4.46
N TYR A 182 7.22 -24.57 -3.72
CA TYR A 182 7.21 -23.22 -4.28
C TYR A 182 8.23 -23.06 -5.41
N LEU A 183 9.41 -23.67 -5.25
CA LEU A 183 10.45 -23.61 -6.28
C LEU A 183 10.09 -24.43 -7.51
N MET A 184 9.62 -25.66 -7.31
CA MET A 184 9.29 -26.55 -8.42
C MET A 184 7.89 -26.34 -9.01
N GLU A 185 7.02 -25.63 -8.31
CA GLU A 185 5.63 -25.48 -8.71
C GLU A 185 4.92 -26.83 -8.86
N THR A 186 5.31 -27.79 -8.04
CA THR A 186 4.63 -29.07 -7.99
C THR A 186 4.93 -29.78 -6.68
N TRP A 187 4.19 -30.85 -6.41
CA TRP A 187 4.32 -31.60 -5.17
C TRP A 187 4.82 -33.01 -5.48
N PRO A 188 6.15 -33.22 -5.35
CA PRO A 188 6.72 -34.53 -5.70
C PRO A 188 6.87 -35.50 -4.54
N PHE A 189 6.22 -35.24 -3.40
CA PHE A 189 6.47 -36.04 -2.19
C PHE A 189 5.42 -37.07 -1.85
N GLY A 190 4.41 -37.24 -2.71
CA GLY A 190 3.37 -38.24 -2.48
C GLY A 190 2.23 -37.73 -1.63
N GLU A 191 1.18 -38.53 -1.49
CA GLU A 191 -0.03 -38.12 -0.77
C GLU A 191 0.11 -38.17 0.76
N LEU A 192 0.84 -39.17 1.26
CA LEU A 192 0.97 -39.37 2.69
C LEU A 192 1.66 -38.18 3.34
N LEU A 193 2.74 -37.72 2.72
CA LEU A 193 3.46 -36.57 3.24
C LEU A 193 2.66 -35.26 3.03
N CYS A 194 1.80 -35.25 2.02
CA CYS A 194 0.84 -34.16 1.82
C CYS A 194 -0.12 -34.11 3.00
N LYS A 195 -0.70 -35.26 3.33
CA LYS A 195 -1.58 -35.35 4.48
C LYS A 195 -0.88 -34.91 5.76
N ALA A 196 0.37 -35.36 5.93
CA ALA A 196 1.17 -35.02 7.12
C ALA A 196 1.41 -33.53 7.25
N VAL A 197 1.88 -32.89 6.18
CA VAL A 197 2.21 -31.46 6.20
C VAL A 197 0.98 -30.59 6.46
N LEU A 198 -0.12 -30.84 5.77
CA LEU A 198 -1.32 -30.03 5.95
C LEU A 198 -1.88 -30.19 7.35
N SER A 199 -1.99 -31.43 7.84
CA SER A 199 -2.58 -31.65 9.17
C SER A 199 -1.69 -31.10 10.28
N ILE A 200 -0.37 -31.28 10.16
CA ILE A 200 0.60 -30.64 11.07
C ILE A 200 0.42 -29.11 11.14
N ASP A 201 0.08 -28.47 10.03
CA ASP A 201 -0.13 -27.02 10.01
C ASP A 201 -1.26 -26.64 10.95
N TYR A 202 -2.36 -27.38 10.86
CA TYR A 202 -3.51 -27.16 11.72
C TYR A 202 -3.24 -27.54 13.18
N TYR A 203 -2.53 -28.63 13.40
CA TYR A 203 -2.14 -29.04 14.75
C TYR A 203 -1.29 -27.96 15.43
N ASN A 204 -0.33 -27.40 14.70
CA ASN A 204 0.52 -26.33 15.25
C ASN A 204 -0.34 -25.19 15.79
N MET A 205 -1.25 -24.70 14.95
CA MET A 205 -2.10 -23.57 15.32
C MET A 205 -2.97 -23.86 16.53
N PHE A 206 -3.64 -25.02 16.52
CA PHE A 206 -4.58 -25.37 17.59
C PHE A 206 -3.88 -25.75 18.91
N THR A 207 -2.95 -26.70 18.86
CA THR A 207 -2.27 -27.14 20.07
C THR A 207 -1.51 -25.98 20.73
N SER A 208 -0.95 -25.09 19.92
CA SER A 208 -0.15 -23.95 20.44
C SER A 208 -0.99 -23.00 21.28
N ILE A 209 -2.05 -22.47 20.68
CA ILE A 209 -2.94 -21.50 21.36
C ILE A 209 -3.68 -22.14 22.54
N PHE A 210 -4.10 -23.39 22.38
CA PHE A 210 -4.70 -24.12 23.49
C PHE A 210 -3.69 -24.28 24.63
N THR A 211 -2.43 -24.51 24.29
CA THR A 211 -1.42 -24.66 25.32
C THR A 211 -1.12 -23.31 25.99
N LEU A 212 -1.07 -22.24 25.21
CA LEU A 212 -0.84 -20.91 25.75
C LEU A 212 -2.00 -20.46 26.63
N THR A 213 -3.20 -20.88 26.27
CA THR A 213 -4.39 -20.63 27.07
C THR A 213 -4.23 -21.29 28.44
N MET A 214 -3.88 -22.58 28.42
CA MET A 214 -3.68 -23.33 29.65
C MET A 214 -2.50 -22.87 30.50
N MET A 215 -1.47 -22.31 29.87
CA MET A 215 -0.36 -21.71 30.63
C MET A 215 -0.81 -20.44 31.34
N SER A 216 -1.65 -19.67 30.67
CA SER A 216 -2.26 -18.48 31.27
C SER A 216 -3.16 -18.86 32.45
N VAL A 217 -3.98 -19.90 32.26
CA VAL A 217 -4.83 -20.39 33.34
C VAL A 217 -3.97 -20.91 34.51
N ASP A 218 -2.90 -21.62 34.18
CA ASP A 218 -1.98 -22.14 35.20
C ASP A 218 -1.40 -21.00 36.02
N ARG A 219 -0.95 -19.97 35.32
CA ARG A 219 -0.44 -18.76 35.95
C ARG A 219 -1.50 -18.10 36.81
N TYR A 220 -2.71 -17.99 36.28
CA TYR A 220 -3.83 -17.42 37.04
C TYR A 220 -4.00 -18.15 38.38
N ILE A 221 -3.94 -19.47 38.33
CA ILE A 221 -4.09 -20.29 39.52
C ILE A 221 -2.89 -20.17 40.45
N ALA A 222 -1.68 -20.13 39.91
CA ALA A 222 -0.48 -19.98 40.73
C ALA A 222 -0.44 -18.67 41.54
N VAL A 223 -1.01 -17.61 40.96
CA VAL A 223 -0.99 -16.26 41.55
C VAL A 223 -2.22 -16.01 42.44
N CYS A 224 -3.42 -16.21 41.90
CA CYS A 224 -4.67 -15.87 42.61
C CYS A 224 -5.24 -16.96 43.52
N HIS A 225 -4.73 -18.19 43.43
CA HIS A 225 -5.25 -19.30 44.21
C HIS A 225 -4.12 -20.20 44.66
N PRO A 226 -3.21 -19.65 45.50
CA PRO A 226 -1.98 -20.36 45.87
C PRO A 226 -2.24 -21.68 46.57
N VAL A 227 -3.32 -21.74 47.34
CA VAL A 227 -3.66 -22.91 48.14
C VAL A 227 -4.20 -24.04 47.25
N LYS A 228 -5.16 -23.69 46.39
CA LYS A 228 -5.70 -24.65 45.44
C LYS A 228 -4.65 -25.02 44.40
N ALA A 229 -3.74 -24.11 44.08
CA ALA A 229 -2.65 -24.34 43.11
C ALA A 229 -1.79 -25.58 43.44
N LEU A 230 -1.57 -25.81 44.72
CA LEU A 230 -0.83 -26.99 45.17
C LEU A 230 -1.50 -28.27 44.69
N ASP A 231 -2.83 -28.26 44.70
CA ASP A 231 -3.62 -29.39 44.22
C ASP A 231 -3.47 -29.56 42.71
N PHE A 232 -3.59 -28.46 41.94
CA PHE A 232 -3.66 -28.54 40.47
C PHE A 232 -2.31 -28.57 39.75
N ARG A 233 -1.34 -27.84 40.26
CA ARG A 233 -0.12 -27.56 39.50
C ARG A 233 1.00 -28.57 39.70
N THR A 234 0.84 -29.76 39.13
CA THR A 234 1.90 -30.75 39.14
C THR A 234 2.33 -31.08 37.72
N PRO A 235 3.58 -31.54 37.55
CA PRO A 235 4.02 -31.98 36.22
C PRO A 235 3.10 -33.04 35.59
N ALA A 236 2.63 -34.00 36.38
CA ALA A 236 1.81 -35.10 35.85
C ALA A 236 0.50 -34.56 35.28
N LYS A 237 -0.14 -33.66 36.01
CA LYS A 237 -1.39 -33.07 35.55
C LYS A 237 -1.17 -32.18 34.32
N ALA A 238 -0.05 -31.47 34.27
CA ALA A 238 0.34 -30.70 33.09
C ALA A 238 0.46 -31.62 31.86
N LYS A 239 1.18 -32.73 32.02
CA LYS A 239 1.29 -33.74 30.99
C LYS A 239 -0.09 -34.19 30.54
N LEU A 240 -0.97 -34.48 31.50
CA LEU A 240 -2.33 -34.91 31.22
C LEU A 240 -3.10 -33.89 30.37
N ILE A 241 -2.94 -32.61 30.71
CA ILE A 241 -3.60 -31.54 29.96
C ILE A 241 -3.00 -31.42 28.56
N ASN A 242 -1.69 -31.64 28.43
CA ASN A 242 -1.03 -31.66 27.13
C ASN A 242 -1.67 -32.68 26.21
N ILE A 243 -1.85 -33.90 26.70
CA ILE A 243 -2.45 -34.98 25.93
C ILE A 243 -3.86 -34.57 25.47
N CYS A 244 -4.68 -34.11 26.43
CA CYS A 244 -6.01 -33.59 26.14
C CYS A 244 -6.01 -32.54 25.03
N ILE A 245 -5.02 -31.66 25.07
CA ILE A 245 -4.87 -30.64 24.03
C ILE A 245 -4.72 -31.28 22.65
N TRP A 246 -3.86 -32.28 22.55
CA TRP A 246 -3.67 -32.99 21.28
C TRP A 246 -4.91 -33.76 20.85
N VAL A 247 -5.60 -34.38 21.79
CA VAL A 247 -6.83 -35.11 21.49
C VAL A 247 -7.86 -34.14 20.94
N LEU A 248 -8.01 -32.99 21.60
CA LEU A 248 -9.02 -32.00 21.24
C LEU A 248 -8.71 -31.41 19.88
N ALA A 249 -7.44 -31.05 19.68
CA ALA A 249 -6.98 -30.49 18.41
C ALA A 249 -7.15 -31.48 17.26
N SER A 250 -7.17 -32.78 17.55
CA SER A 250 -7.42 -33.81 16.55
C SER A 250 -8.87 -33.78 15.99
N GLY A 251 -9.75 -33.04 16.66
CA GLY A 251 -11.08 -32.76 16.12
C GLY A 251 -11.00 -32.04 14.79
N VAL A 252 -10.00 -31.17 14.63
CA VAL A 252 -9.72 -30.54 13.34
C VAL A 252 -8.63 -31.28 12.56
N GLY A 253 -7.63 -31.78 13.27
CA GLY A 253 -6.49 -32.45 12.65
C GLY A 253 -6.84 -33.67 11.82
N VAL A 254 -7.72 -34.52 12.34
CA VAL A 254 -8.12 -35.75 11.64
C VAL A 254 -8.90 -35.47 10.35
N PRO A 255 -9.99 -34.68 10.41
CA PRO A 255 -10.64 -34.30 9.16
C PRO A 255 -9.67 -33.82 8.09
N ILE A 256 -8.67 -33.04 8.50
CA ILE A 256 -7.67 -32.48 7.58
C ILE A 256 -6.83 -33.60 6.97
N MET A 257 -6.42 -34.59 7.78
CA MET A 257 -5.72 -35.75 7.25
C MET A 257 -6.52 -36.42 6.14
N VAL A 258 -7.82 -36.55 6.37
CA VAL A 258 -8.70 -37.25 5.44
C VAL A 258 -8.90 -36.44 4.14
N MET A 259 -9.21 -35.15 4.28
CA MET A 259 -9.48 -34.30 3.13
C MET A 259 -8.24 -33.88 2.34
N ALA A 260 -7.05 -34.07 2.91
CA ALA A 260 -5.81 -33.73 2.20
C ALA A 260 -5.47 -34.77 1.14
N VAL A 261 -5.41 -34.35 -0.12
CA VAL A 261 -5.14 -35.26 -1.24
C VAL A 261 -4.14 -34.65 -2.22
N THR A 262 -3.54 -35.48 -3.07
CA THR A 262 -2.76 -34.97 -4.20
C THR A 262 -3.49 -35.30 -5.49
N ARG A 263 -3.58 -34.30 -6.37
CA ARG A 263 -4.28 -34.41 -7.64
C ARG A 263 -3.43 -33.83 -8.77
N PRO A 264 -3.46 -34.47 -9.96
CA PRO A 264 -2.83 -33.82 -11.10
C PRO A 264 -3.72 -32.68 -11.55
N ARG A 265 -3.11 -31.51 -11.81
CA ARG A 265 -3.86 -30.35 -12.26
C ARG A 265 -2.94 -29.42 -13.05
N ASP A 266 -3.32 -29.12 -14.28
CA ASP A 266 -2.56 -28.23 -15.17
C ASP A 266 -1.07 -28.59 -15.24
N GLY A 267 -0.77 -29.86 -15.45
CA GLY A 267 0.60 -30.31 -15.66
C GLY A 267 1.48 -30.34 -14.40
N ALA A 268 0.84 -30.32 -13.25
CA ALA A 268 1.55 -30.42 -12.00
C ALA A 268 0.74 -31.27 -11.04
N VAL A 269 1.38 -31.71 -9.98
CA VAL A 269 0.65 -32.38 -8.90
C VAL A 269 0.50 -31.35 -7.81
N VAL A 270 -0.73 -31.15 -7.34
CA VAL A 270 -0.97 -30.21 -6.24
C VAL A 270 -1.42 -30.99 -5.00
N CYS A 271 -0.89 -30.60 -3.86
CA CYS A 271 -1.33 -31.10 -2.58
C CYS A 271 -2.32 -30.07 -2.06
N MET A 272 -3.56 -30.49 -1.82
CA MET A 272 -4.63 -29.55 -1.50
C MET A 272 -5.65 -30.15 -0.55
N LEU A 273 -6.49 -29.29 0.02
CA LEU A 273 -7.64 -29.76 0.80
C LEU A 273 -8.85 -29.87 -0.09
N GLN A 274 -9.44 -31.05 -0.16
CA GLN A 274 -10.65 -31.26 -0.92
C GLN A 274 -11.85 -31.36 0.04
N PHE A 275 -12.58 -30.25 0.15
CA PHE A 275 -13.79 -30.20 0.97
C PHE A 275 -14.99 -30.83 0.26
N PRO A 276 -15.93 -31.41 1.03
CA PRO A 276 -17.13 -31.97 0.41
C PRO A 276 -17.99 -30.89 -0.27
N SER A 277 -18.93 -31.30 -1.12
CA SER A 277 -19.80 -30.36 -1.80
C SER A 277 -20.77 -29.70 -0.82
N PRO A 278 -20.98 -28.38 -0.95
CA PRO A 278 -20.26 -27.44 -1.82
C PRO A 278 -18.91 -27.03 -1.19
N SER A 279 -17.82 -27.26 -1.91
CA SER A 279 -16.47 -26.99 -1.40
C SER A 279 -16.31 -25.59 -0.80
N TRP A 280 -16.70 -24.58 -1.58
CA TRP A 280 -16.60 -23.18 -1.15
C TRP A 280 -17.25 -22.93 0.22
N TYR A 281 -18.34 -23.63 0.51
CA TYR A 281 -19.06 -23.44 1.77
C TYR A 281 -18.27 -24.01 2.94
N TRP A 282 -17.81 -25.25 2.84
CA TRP A 282 -17.09 -25.89 3.95
C TRP A 282 -15.71 -25.29 4.15
N ASP A 283 -15.06 -24.93 3.05
CA ASP A 283 -13.81 -24.18 3.10
C ASP A 283 -13.97 -22.92 3.96
N THR A 284 -15.05 -22.18 3.71
CA THR A 284 -15.33 -20.94 4.46
C THR A 284 -15.77 -21.20 5.90
N VAL A 285 -16.53 -22.27 6.13
CA VAL A 285 -16.90 -22.64 7.50
C VAL A 285 -15.64 -22.96 8.30
N THR A 286 -14.71 -23.70 7.68
CA THR A 286 -13.48 -24.08 8.36
C THR A 286 -12.66 -22.85 8.70
N LYS A 287 -12.54 -21.93 7.75
CA LYS A 287 -11.74 -20.74 7.96
C LYS A 287 -12.27 -19.86 9.09
N ILE A 288 -13.59 -19.65 9.12
CA ILE A 288 -14.19 -18.88 10.20
C ILE A 288 -14.10 -19.63 11.53
N CYS A 289 -14.20 -20.96 11.50
CA CYS A 289 -14.04 -21.77 12.72
C CYS A 289 -12.62 -21.68 13.27
N VAL A 290 -11.64 -21.83 12.38
CA VAL A 290 -10.22 -21.70 12.74
C VAL A 290 -9.97 -20.34 13.38
N PHE A 291 -10.51 -19.28 12.78
CA PHE A 291 -10.32 -17.91 13.26
C PHE A 291 -10.91 -17.69 14.66
N LEU A 292 -12.09 -18.29 14.90
CA LEU A 292 -12.77 -18.10 16.18
C LEU A 292 -12.15 -18.98 17.26
N PHE A 293 -12.15 -20.28 17.02
CA PHE A 293 -11.76 -21.24 18.05
C PHE A 293 -10.25 -21.42 18.24
N ALA A 294 -9.45 -21.01 17.27
CA ALA A 294 -7.99 -21.09 17.39
C ALA A 294 -7.30 -19.74 17.48
N PHE A 295 -8.06 -18.66 17.70
CA PHE A 295 -7.43 -17.35 17.86
C PHE A 295 -8.23 -16.39 18.74
N VAL A 296 -9.44 -16.04 18.31
CA VAL A 296 -10.25 -15.03 18.99
C VAL A 296 -10.65 -15.49 20.40
N VAL A 297 -11.41 -16.58 20.47
CA VAL A 297 -11.92 -17.07 21.76
C VAL A 297 -10.81 -17.38 22.77
N PRO A 298 -9.74 -18.10 22.34
CA PRO A 298 -8.62 -18.32 23.25
C PRO A 298 -7.99 -17.03 23.76
N ILE A 299 -7.90 -16.01 22.91
CA ILE A 299 -7.33 -14.72 23.31
C ILE A 299 -8.20 -14.00 24.34
N LEU A 300 -9.53 -14.08 24.19
CA LEU A 300 -10.44 -13.56 25.22
C LEU A 300 -10.13 -14.20 26.58
N ILE A 301 -10.05 -15.53 26.60
CA ILE A 301 -9.81 -16.26 27.84
C ILE A 301 -8.50 -15.82 28.47
N ILE A 302 -7.43 -15.74 27.65
CA ILE A 302 -6.11 -15.31 28.12
C ILE A 302 -6.18 -13.89 28.66
N THR A 303 -6.89 -13.02 27.95
CA THR A 303 -7.06 -11.63 28.37
C THR A 303 -7.74 -11.55 29.73
N VAL A 304 -8.83 -12.29 29.91
CA VAL A 304 -9.50 -12.37 31.20
C VAL A 304 -8.53 -12.86 32.28
N CYS A 305 -7.79 -13.93 31.99
CA CYS A 305 -6.89 -14.50 32.99
C CYS A 305 -5.87 -13.47 33.50
N TYR A 306 -5.28 -12.71 32.58
CA TYR A 306 -4.32 -11.67 32.97
C TYR A 306 -4.98 -10.46 33.65
N GLY A 307 -6.15 -10.07 33.16
CA GLY A 307 -6.93 -9.00 33.80
C GLY A 307 -7.12 -9.25 35.27
N LEU A 308 -7.55 -10.46 35.62
CA LEU A 308 -7.74 -10.86 37.01
C LEU A 308 -6.42 -10.96 37.77
N MET A 309 -5.34 -11.28 37.07
CA MET A 309 -4.00 -11.37 37.68
C MET A 309 -3.42 -10.01 38.01
N LEU A 310 -3.79 -8.99 37.23
CA LEU A 310 -3.26 -7.62 37.43
C LEU A 310 -3.66 -7.08 38.80
N LEU A 311 -4.87 -7.40 39.25
CA LEU A 311 -5.36 -7.02 40.58
C LEU A 311 -4.40 -7.45 41.71
N ARG A 312 -3.86 -8.66 41.60
CA ARG A 312 -2.94 -9.21 42.61
C ARG A 312 -1.46 -8.94 42.30
N LEU A 313 -1.08 -8.93 41.02
CA LEU A 313 0.32 -8.73 40.62
C LEU A 313 0.80 -7.31 40.90
N ARG A 314 -0.02 -6.32 40.53
CA ARG A 314 0.33 -4.91 40.75
C ARG A 314 0.10 -4.48 42.19
N SER A 315 -1.07 -4.83 42.74
CA SER A 315 -1.50 -4.32 44.05
C SER A 315 -1.10 -5.21 45.24
N VAL A 316 0.13 -5.70 45.25
CA VAL A 316 0.66 -6.46 46.37
C VAL A 316 2.19 -6.45 46.38
N ARG A 317 2.76 -7.05 47.42
CA ARG A 317 4.22 -7.21 47.52
C ARG A 317 4.63 -8.66 47.84
N LEU A 318 3.98 -9.29 48.82
CA LEU A 318 4.28 -10.68 49.18
C LEU A 318 3.29 -11.66 48.56
N LEU A 319 3.69 -12.32 47.48
CA LEU A 319 2.85 -13.35 46.84
C LEU A 319 3.11 -14.70 47.51
N SER A 320 4.39 -15.02 47.69
CA SER A 320 4.78 -16.25 48.40
C SER A 320 5.45 -15.90 49.72
N GLY A 321 5.81 -16.95 50.48
CA GLY A 321 6.44 -16.80 51.79
C GLY A 321 7.96 -16.75 51.75
N SER A 322 8.51 -16.26 50.65
CA SER A 322 9.95 -16.10 50.49
C SER A 322 10.26 -15.12 49.35
N LYS A 323 11.45 -14.51 49.39
CA LYS A 323 11.91 -13.61 48.32
C LYS A 323 12.15 -14.35 47.00
N GLU A 324 12.85 -15.49 47.11
CA GLU A 324 13.21 -16.31 45.94
C GLU A 324 11.99 -16.82 45.18
N LYS A 325 11.00 -17.35 45.90
CA LYS A 325 9.77 -17.86 45.29
C LYS A 325 8.93 -16.74 44.66
N ASP A 326 8.77 -15.63 45.39
CA ASP A 326 7.98 -14.50 44.88
C ASP A 326 8.50 -14.00 43.52
N ARG A 327 9.79 -13.73 43.44
CA ARG A 327 10.39 -13.26 42.18
C ARG A 327 10.32 -14.35 41.10
N SER A 328 10.41 -15.60 41.51
CA SER A 328 10.30 -16.74 40.61
C SER A 328 8.89 -16.90 40.06
N LEU A 329 7.87 -16.73 40.91
CA LEU A 329 6.47 -16.72 40.46
C LEU A 329 6.16 -15.54 39.51
N ARG A 330 6.82 -14.41 39.74
CA ARG A 330 6.55 -13.18 39.00
C ARG A 330 7.18 -13.16 37.59
N ARG A 331 8.40 -13.68 37.48
CA ARG A 331 9.12 -13.67 36.19
C ARG A 331 8.59 -14.74 35.24
N ILE A 332 8.17 -15.88 35.80
CA ILE A 332 7.53 -16.93 35.00
C ILE A 332 6.21 -16.43 34.44
N THR A 333 5.49 -15.66 35.23
CA THR A 333 4.24 -15.04 34.78
C THR A 333 4.49 -14.04 33.68
N ARG A 334 5.55 -13.24 33.81
CA ARG A 334 5.95 -12.28 32.78
C ARG A 334 6.36 -12.97 31.47
N MET A 335 7.08 -14.09 31.58
CA MET A 335 7.51 -14.85 30.40
C MET A 335 6.30 -15.34 29.60
N VAL A 336 5.33 -15.92 30.28
CA VAL A 336 4.13 -16.43 29.62
C VAL A 336 3.41 -15.30 28.87
N LEU A 337 3.23 -14.16 29.51
CA LEU A 337 2.63 -12.99 28.83
C LEU A 337 3.44 -12.59 27.56
N VAL A 338 4.76 -12.61 27.65
CA VAL A 338 5.61 -12.23 26.53
C VAL A 338 5.53 -13.26 25.40
N VAL A 339 5.55 -14.55 25.76
CA VAL A 339 5.38 -15.62 24.78
C VAL A 339 4.00 -15.53 24.12
N VAL A 340 2.97 -15.26 24.92
CA VAL A 340 1.63 -15.04 24.40
C VAL A 340 1.61 -13.86 23.43
N GLY A 341 2.17 -12.74 23.87
CA GLY A 341 2.26 -11.54 23.05
C GLY A 341 2.93 -11.80 21.71
N ALA A 342 4.09 -12.45 21.76
CA ALA A 342 4.85 -12.78 20.55
C ALA A 342 4.05 -13.67 19.62
N PHE A 343 3.29 -14.60 20.19
CA PHE A 343 2.41 -15.46 19.39
C PHE A 343 1.33 -14.65 18.67
N VAL A 344 0.68 -13.72 19.38
CA VAL A 344 -0.40 -12.92 18.82
C VAL A 344 0.13 -12.00 17.73
N VAL A 345 1.22 -11.31 18.01
CA VAL A 345 1.87 -10.44 17.03
C VAL A 345 2.22 -11.22 15.76
N CYS A 346 2.83 -12.38 15.92
CA CYS A 346 3.23 -13.21 14.78
C CYS A 346 2.08 -13.76 13.96
N TRP A 347 1.00 -14.15 14.63
CA TRP A 347 -0.11 -14.86 13.96
C TRP A 347 -1.28 -13.95 13.53
N ALA A 348 -1.46 -12.80 14.18
CA ALA A 348 -2.62 -11.96 13.87
C ALA A 348 -2.67 -11.50 12.41
N PRO A 349 -1.52 -11.09 11.85
CA PRO A 349 -1.57 -10.59 10.46
C PRO A 349 -2.12 -11.61 9.46
N ILE A 350 -1.55 -12.80 9.42
CA ILE A 350 -2.03 -13.81 8.48
C ILE A 350 -3.50 -14.16 8.77
N HIS A 351 -3.87 -14.30 10.04
CA HIS A 351 -5.26 -14.67 10.38
C HIS A 351 -6.26 -13.65 9.88
N ILE A 352 -5.92 -12.37 10.02
CA ILE A 352 -6.76 -11.31 9.47
C ILE A 352 -6.76 -11.40 7.93
N PHE A 353 -5.59 -11.59 7.35
CA PHE A 353 -5.44 -11.65 5.89
C PHE A 353 -6.30 -12.73 5.28
N VAL A 354 -6.34 -13.90 5.92
CA VAL A 354 -7.08 -15.04 5.39
C VAL A 354 -8.58 -14.74 5.32
N ILE A 355 -9.10 -14.13 6.38
CA ILE A 355 -10.51 -13.74 6.43
C ILE A 355 -10.83 -12.71 5.35
N VAL A 356 -9.96 -11.71 5.19
CA VAL A 356 -10.10 -10.67 4.16
C VAL A 356 -10.02 -11.29 2.76
N TRP A 357 -9.01 -12.12 2.55
CA TRP A 357 -8.83 -12.84 1.29
C TRP A 357 -10.07 -13.67 0.94
N THR A 358 -10.65 -14.33 1.93
CA THR A 358 -11.80 -15.22 1.72
C THR A 358 -13.10 -14.46 1.48
N LEU A 359 -13.33 -13.39 2.23
CA LEU A 359 -14.62 -12.69 2.18
C LEU A 359 -14.69 -11.45 1.29
N VAL A 360 -13.57 -10.75 1.11
CA VAL A 360 -13.59 -9.47 0.37
C VAL A 360 -13.08 -9.62 -1.07
N ASP A 361 -13.71 -8.89 -1.99
CA ASP A 361 -13.23 -8.85 -3.38
C ASP A 361 -11.98 -7.99 -3.48
N ILE A 362 -10.83 -8.62 -3.26
CA ILE A 362 -9.55 -7.96 -3.42
C ILE A 362 -8.83 -8.56 -4.62
N ASP A 363 -7.87 -7.81 -5.16
CA ASP A 363 -7.12 -8.28 -6.30
C ASP A 363 -6.11 -9.33 -5.83
N ARG A 364 -6.49 -10.60 -5.93
CA ARG A 364 -5.67 -11.72 -5.49
C ARG A 364 -4.45 -12.00 -6.37
N ARG A 365 -4.36 -11.36 -7.53
CA ARG A 365 -3.20 -11.50 -8.42
C ARG A 365 -2.27 -10.28 -8.41
N ASP A 366 -2.60 -9.27 -7.60
CA ASP A 366 -1.75 -8.09 -7.44
C ASP A 366 -0.42 -8.47 -6.76
N PRO A 367 0.72 -8.17 -7.40
CA PRO A 367 2.06 -8.44 -6.87
C PRO A 367 2.27 -8.09 -5.39
N LEU A 368 1.74 -6.95 -4.97
CA LEU A 368 1.96 -6.48 -3.60
C LEU A 368 1.15 -7.31 -2.61
N VAL A 369 -0.11 -7.55 -2.93
CA VAL A 369 -0.98 -8.35 -2.07
C VAL A 369 -0.38 -9.74 -1.86
N VAL A 370 0.10 -10.34 -2.95
CA VAL A 370 0.66 -11.69 -2.91
C VAL A 370 1.97 -11.72 -2.12
N ALA A 371 2.75 -10.66 -2.23
CA ALA A 371 4.01 -10.55 -1.49
C ALA A 371 3.72 -10.41 -0.01
N ALA A 372 2.78 -9.51 0.32
CA ALA A 372 2.40 -9.28 1.72
C ALA A 372 1.81 -10.54 2.33
N LEU A 373 0.95 -11.23 1.57
CA LEU A 373 0.33 -12.44 2.06
C LEU A 373 1.40 -13.45 2.47
N HIS A 374 2.36 -13.65 1.58
CA HIS A 374 3.39 -14.66 1.80
C HIS A 374 4.34 -14.28 2.92
N LEU A 375 4.53 -12.98 3.10
CA LEU A 375 5.29 -12.46 4.22
C LEU A 375 4.55 -12.78 5.53
N CYS A 376 3.24 -12.57 5.53
CA CYS A 376 2.41 -12.85 6.70
C CYS A 376 2.37 -14.33 7.04
N ILE A 377 2.29 -15.20 6.02
CA ILE A 377 2.36 -16.65 6.22
C ILE A 377 3.71 -17.00 6.85
N ALA A 378 4.78 -16.44 6.29
CA ALA A 378 6.13 -16.66 6.80
C ALA A 378 6.28 -16.22 8.26
N LEU A 379 5.67 -15.09 8.62
CA LEU A 379 5.73 -14.57 9.99
C LEU A 379 5.09 -15.55 10.99
N GLY A 380 3.99 -16.17 10.59
CA GLY A 380 3.38 -17.23 11.37
C GLY A 380 4.35 -18.35 11.70
N TYR A 381 5.10 -18.82 10.69
CA TYR A 381 6.09 -19.87 10.91
C TYR A 381 7.27 -19.37 11.74
N ALA A 382 7.61 -18.09 11.57
CA ALA A 382 8.72 -17.49 12.31
C ALA A 382 8.50 -17.59 13.81
N ASN A 383 7.24 -17.58 14.24
CA ASN A 383 6.93 -17.74 15.65
C ASN A 383 7.66 -18.94 16.25
N SER A 384 7.68 -20.03 15.49
CA SER A 384 8.29 -21.27 15.93
C SER A 384 9.78 -21.14 16.22
N SER A 385 10.50 -20.35 15.41
CA SER A 385 11.93 -20.16 15.60
C SER A 385 12.22 -19.11 16.69
N LEU A 386 11.29 -18.19 16.88
CA LEU A 386 11.42 -17.16 17.90
C LEU A 386 11.30 -17.71 19.34
N ASN A 387 10.44 -18.72 19.54
CA ASN A 387 10.10 -19.19 20.90
C ASN A 387 11.27 -19.77 21.72
N PRO A 388 12.08 -20.66 21.13
CA PRO A 388 13.28 -21.11 21.83
C PRO A 388 14.16 -19.96 22.35
N VAL A 389 14.31 -18.91 21.54
CA VAL A 389 15.13 -17.77 21.92
C VAL A 389 14.48 -17.00 23.08
N LEU A 390 13.16 -16.89 23.07
CA LEU A 390 12.42 -16.27 24.18
C LEU A 390 12.59 -17.03 25.51
N TYR A 391 12.66 -18.36 25.45
CA TYR A 391 12.84 -19.16 26.67
C TYR A 391 14.23 -18.90 27.25
N ALA A 392 15.24 -18.85 26.37
CA ALA A 392 16.62 -18.57 26.76
C ALA A 392 16.75 -17.18 27.39
N PHE A 393 16.06 -16.21 26.79
CA PHE A 393 16.10 -14.82 27.24
C PHE A 393 15.38 -14.63 28.57
N LEU A 394 14.24 -15.30 28.76
CA LEU A 394 13.28 -14.94 29.81
C LEU A 394 13.22 -15.86 31.02
N ASP A 395 13.99 -16.94 31.00
CA ASP A 395 13.90 -17.94 32.07
C ASP A 395 15.29 -18.34 32.52
N GLU A 396 15.49 -18.40 33.83
CA GLU A 396 16.80 -18.66 34.44
C GLU A 396 17.37 -20.01 34.00
N ASN A 397 16.56 -21.06 34.13
CA ASN A 397 17.01 -22.42 33.86
C ASN A 397 17.25 -22.72 32.38
N PHE A 398 16.52 -22.03 31.49
CA PHE A 398 16.75 -22.19 30.06
C PHE A 398 18.03 -21.49 29.64
N LYS A 399 18.33 -20.36 30.30
CA LYS A 399 19.59 -19.65 30.06
C LYS A 399 20.77 -20.54 30.49
N ARG A 400 20.68 -21.11 31.69
CA ARG A 400 21.70 -22.06 32.18
C ARG A 400 21.85 -23.29 31.29
N CYS A 401 20.73 -23.81 30.78
CA CYS A 401 20.77 -24.96 29.85
C CYS A 401 21.42 -24.59 28.53
N PHE A 402 21.15 -23.39 28.04
CA PHE A 402 21.73 -22.83 26.80
C PHE A 402 23.23 -22.63 26.89
N ARG A 403 23.65 -22.08 28.03
CA ARG A 403 25.06 -21.77 28.28
C ARG A 403 25.88 -23.06 28.42
N GLN A 404 25.29 -24.09 29.02
CA GLN A 404 25.92 -25.40 29.14
C GLN A 404 26.14 -26.06 27.78
N LEU A 405 25.24 -25.81 26.83
CA LEU A 405 25.40 -26.29 25.45
C LEU A 405 26.41 -25.44 24.68
N CYS A 406 26.35 -24.11 24.87
CA CYS A 406 27.27 -23.17 24.22
C CYS A 406 27.11 -21.77 24.79
N ALA B 6 -13.47 -1.60 -16.04
CA ALA B 6 -12.93 -0.20 -16.21
C ALA B 6 -13.83 0.84 -15.55
N ASP B 7 -13.33 2.07 -15.48
CA ASP B 7 -14.06 3.20 -14.90
C ASP B 7 -15.01 3.81 -15.94
N LEU B 8 -16.15 4.28 -15.45
CA LEU B 8 -17.15 4.92 -16.28
C LEU B 8 -16.57 6.10 -17.06
N GLU B 9 -15.86 6.98 -16.37
CA GLU B 9 -15.28 8.16 -17.02
C GLU B 9 -14.29 7.77 -18.11
N ASP B 10 -13.48 6.74 -17.86
CA ASP B 10 -12.56 6.22 -18.87
C ASP B 10 -13.33 5.71 -20.08
N ASN B 11 -14.31 4.84 -19.85
CA ASN B 11 -15.16 4.32 -20.92
C ASN B 11 -15.83 5.43 -21.74
N TRP B 12 -16.23 6.50 -21.05
CA TRP B 12 -16.88 7.64 -21.68
C TRP B 12 -15.91 8.44 -22.53
N GLU B 13 -14.67 8.53 -22.05
CA GLU B 13 -13.62 9.20 -22.78
C GLU B 13 -13.28 8.42 -24.05
N THR B 14 -13.29 7.08 -23.97
CA THR B 14 -12.93 6.26 -25.13
C THR B 14 -14.03 6.30 -26.21
N LEU B 15 -15.29 6.34 -25.79
CA LEU B 15 -16.40 6.62 -26.69
C LEU B 15 -16.20 7.92 -27.49
N ASN B 16 -15.89 9.00 -26.78
CA ASN B 16 -15.65 10.28 -27.43
C ASN B 16 -14.46 10.22 -28.35
N ASP B 17 -13.39 9.60 -27.88
CA ASP B 17 -12.15 9.56 -28.63
C ASP B 17 -12.33 8.80 -29.94
N ASN B 18 -13.08 7.70 -29.89
CA ASN B 18 -13.33 6.90 -31.09
C ASN B 18 -14.34 7.52 -32.04
N LEU B 19 -15.27 8.34 -31.51
CA LEU B 19 -16.15 9.12 -32.37
C LEU B 19 -15.35 10.10 -33.20
N LYS B 20 -14.30 10.66 -32.62
CA LYS B 20 -13.41 11.58 -33.34
C LYS B 20 -12.58 10.83 -34.40
N VAL B 21 -12.21 9.59 -34.10
CA VAL B 21 -11.51 8.72 -35.05
C VAL B 21 -12.41 8.42 -36.25
N ILE B 22 -13.69 8.18 -35.98
CA ILE B 22 -14.65 7.89 -37.05
C ILE B 22 -14.87 9.11 -37.95
N GLU B 23 -14.89 10.31 -37.38
CA GLU B 23 -15.08 11.52 -38.19
C GLU B 23 -13.98 11.69 -39.24
N LYS B 24 -12.73 11.56 -38.81
CA LYS B 24 -11.60 11.74 -39.72
C LYS B 24 -11.01 10.37 -40.02
N ALA B 25 -11.71 9.63 -40.86
CA ALA B 25 -11.28 8.29 -41.24
C ALA B 25 -11.39 8.09 -42.76
N ASP B 26 -10.34 7.52 -43.35
CA ASP B 26 -10.28 7.27 -44.80
C ASP B 26 -11.01 6.00 -45.19
N ASN B 27 -10.97 5.00 -44.31
CA ASN B 27 -11.38 3.65 -44.69
C ASN B 27 -12.23 2.96 -43.63
N ALA B 28 -12.87 1.88 -44.06
CA ALA B 28 -13.78 1.11 -43.23
C ALA B 28 -13.10 0.31 -42.09
N ALA B 29 -11.80 0.04 -42.20
CA ALA B 29 -11.08 -0.70 -41.15
C ALA B 29 -10.95 0.13 -39.88
N GLN B 30 -10.57 1.39 -40.06
CA GLN B 30 -10.51 2.35 -38.96
C GLN B 30 -11.87 2.49 -38.29
N VAL B 31 -12.93 2.60 -39.09
CA VAL B 31 -14.27 2.79 -38.58
C VAL B 31 -14.73 1.57 -37.79
N LYS B 32 -14.51 0.39 -38.37
CA LYS B 32 -14.90 -0.86 -37.76
C LYS B 32 -14.22 -1.07 -36.43
N ASP B 33 -12.92 -0.81 -36.41
CA ASP B 33 -12.14 -0.93 -35.20
C ASP B 33 -12.61 0.03 -34.12
N ALA B 34 -12.90 1.27 -34.51
CA ALA B 34 -13.30 2.29 -33.55
C ALA B 34 -14.63 1.90 -32.97
N LEU B 35 -15.56 1.48 -33.84
CA LEU B 35 -16.90 1.08 -33.41
C LEU B 35 -16.86 -0.11 -32.47
N THR B 36 -15.96 -1.04 -32.72
CA THR B 36 -15.87 -2.23 -31.89
C THR B 36 -15.31 -1.90 -30.49
N LYS B 37 -14.36 -0.97 -30.44
CA LYS B 37 -13.85 -0.49 -29.17
C LYS B 37 -14.94 0.26 -28.40
N MET B 38 -15.69 1.09 -29.10
CA MET B 38 -16.80 1.82 -28.48
C MET B 38 -17.83 0.87 -27.87
N ARG B 39 -18.04 -0.26 -28.50
CA ARG B 39 -19.01 -1.25 -28.03
C ARG B 39 -18.56 -1.89 -26.74
N ALA B 40 -17.29 -2.23 -26.65
CA ALA B 40 -16.73 -2.74 -25.40
C ALA B 40 -16.86 -1.70 -24.28
N ALA B 41 -16.49 -0.47 -24.57
CA ALA B 41 -16.62 0.62 -23.60
C ALA B 41 -18.06 0.82 -23.17
N ALA B 42 -18.97 0.73 -24.12
CA ALA B 42 -20.38 0.92 -23.88
C ALA B 42 -20.94 -0.15 -22.96
N LEU B 43 -20.52 -1.41 -23.18
CA LEU B 43 -21.00 -2.53 -22.39
C LEU B 43 -20.47 -2.44 -20.97
N ASP B 44 -19.24 -1.97 -20.88
CA ASP B 44 -18.57 -1.76 -19.61
C ASP B 44 -19.23 -0.62 -18.87
N ALA B 45 -19.45 0.49 -19.56
CA ALA B 45 -20.11 1.68 -18.98
C ALA B 45 -21.50 1.38 -18.40
N GLN B 46 -22.21 0.49 -19.07
CA GLN B 46 -23.57 0.11 -18.68
C GLN B 46 -23.62 -0.61 -17.34
N LYS B 47 -22.51 -1.25 -16.96
CA LYS B 47 -22.40 -1.94 -15.68
C LYS B 47 -22.09 -0.99 -14.52
N ALA B 48 -21.71 0.25 -14.81
CA ALA B 48 -21.33 1.20 -13.76
C ALA B 48 -22.54 1.84 -13.11
N THR B 49 -22.31 2.40 -11.93
CA THR B 49 -23.27 3.27 -11.27
C THR B 49 -22.75 4.69 -11.43
N PRO B 50 -23.50 5.53 -12.15
CA PRO B 50 -22.99 6.88 -12.34
C PRO B 50 -23.10 7.65 -11.04
N PRO B 51 -22.24 8.66 -10.84
CA PRO B 51 -22.23 9.45 -9.62
C PRO B 51 -23.57 10.05 -9.25
N LYS B 52 -24.40 10.38 -10.23
CA LYS B 52 -25.69 11.02 -9.96
C LYS B 52 -26.75 10.06 -9.39
N LEU B 53 -26.51 8.75 -9.51
CA LEU B 53 -27.43 7.72 -9.03
C LEU B 53 -26.75 6.84 -8.00
N GLU B 54 -25.78 7.39 -7.27
CA GLU B 54 -24.91 6.59 -6.42
C GLU B 54 -25.62 6.20 -5.11
N ASP B 55 -25.55 4.91 -4.79
CA ASP B 55 -26.30 4.26 -3.72
C ASP B 55 -27.80 4.17 -3.99
N LYS B 56 -28.23 4.42 -5.22
CA LYS B 56 -29.61 4.13 -5.58
C LYS B 56 -29.63 2.67 -5.93
N SER B 57 -30.81 2.06 -5.83
CA SER B 57 -30.94 0.64 -6.04
C SER B 57 -30.63 0.32 -7.50
N PRO B 58 -29.92 -0.80 -7.76
CA PRO B 58 -29.63 -1.22 -9.14
C PRO B 58 -30.88 -1.44 -10.01
N ASP B 59 -32.03 -1.66 -9.37
CA ASP B 59 -33.28 -1.90 -10.07
C ASP B 59 -34.25 -0.74 -9.93
N SER B 60 -33.71 0.47 -9.75
CA SER B 60 -34.55 1.66 -9.66
C SER B 60 -34.84 2.20 -11.06
N PRO B 61 -35.94 2.97 -11.20
CA PRO B 61 -36.27 3.60 -12.47
C PRO B 61 -35.09 4.32 -13.13
N GLU B 62 -34.33 5.06 -12.33
CA GLU B 62 -33.24 5.87 -12.85
C GLU B 62 -32.12 4.96 -13.39
N MET B 63 -31.83 3.88 -12.66
CA MET B 63 -30.80 2.94 -13.09
C MET B 63 -31.20 2.13 -14.34
N LYS B 64 -32.45 1.69 -14.38
CA LYS B 64 -32.98 0.98 -15.54
C LYS B 64 -32.93 1.86 -16.79
N ASP B 65 -33.32 3.11 -16.63
CA ASP B 65 -33.32 4.08 -17.72
C ASP B 65 -31.91 4.33 -18.22
N PHE B 66 -30.98 4.47 -17.28
CA PHE B 66 -29.56 4.66 -17.57
C PHE B 66 -28.99 3.49 -18.37
N ARG B 67 -29.17 2.27 -17.86
CA ARG B 67 -28.78 1.07 -18.59
C ARG B 67 -29.48 0.94 -19.95
N HIS B 68 -30.77 1.24 -20.00
CA HIS B 68 -31.51 1.15 -21.26
C HIS B 68 -30.89 2.03 -22.33
N GLY B 69 -30.43 3.23 -21.94
CA GLY B 69 -29.78 4.14 -22.86
C GLY B 69 -28.60 3.51 -23.57
N PHE B 70 -27.85 2.66 -22.87
CA PHE B 70 -26.71 1.98 -23.45
C PHE B 70 -27.08 0.81 -24.34
N ASP B 71 -28.23 0.18 -24.09
CA ASP B 71 -28.76 -0.82 -25.04
C ASP B 71 -29.04 -0.18 -26.40
N ILE B 72 -29.51 1.07 -26.38
CA ILE B 72 -29.82 1.82 -27.58
C ILE B 72 -28.54 2.23 -28.31
N LEU B 73 -27.57 2.72 -27.55
CA LEU B 73 -26.26 3.05 -28.11
C LEU B 73 -25.62 1.82 -28.80
N VAL B 74 -25.57 0.70 -28.09
CA VAL B 74 -25.01 -0.53 -28.62
C VAL B 74 -25.73 -0.98 -29.89
N GLY B 75 -27.06 -0.88 -29.88
CA GLY B 75 -27.85 -1.20 -31.06
C GLY B 75 -27.46 -0.36 -32.26
N GLN B 76 -27.18 0.92 -32.01
CA GLN B 76 -26.76 1.85 -33.07
C GLN B 76 -25.33 1.59 -33.51
N ILE B 77 -24.47 1.26 -32.56
CA ILE B 77 -23.11 0.85 -32.89
C ILE B 77 -23.14 -0.38 -33.79
N ASP B 78 -24.01 -1.33 -33.47
CA ASP B 78 -24.17 -2.53 -34.29
C ASP B 78 -24.64 -2.24 -35.73
N ASP B 79 -25.54 -1.28 -35.91
CA ASP B 79 -26.02 -0.90 -37.24
C ASP B 79 -24.93 -0.20 -38.02
N ALA B 80 -24.25 0.72 -37.36
CA ALA B 80 -23.11 1.42 -37.96
C ALA B 80 -21.99 0.44 -38.36
N LEU B 81 -21.78 -0.58 -37.54
CA LEU B 81 -20.78 -1.61 -37.79
C LEU B 81 -21.19 -2.50 -38.96
N LYS B 82 -22.48 -2.79 -39.05
CA LYS B 82 -23.04 -3.51 -40.19
C LYS B 82 -22.75 -2.78 -41.49
N LEU B 83 -22.97 -1.47 -41.49
CA LEU B 83 -22.67 -0.62 -42.64
C LEU B 83 -21.18 -0.62 -42.98
N ALA B 84 -20.34 -0.41 -41.98
CA ALA B 84 -18.90 -0.37 -42.19
C ALA B 84 -18.37 -1.69 -42.77
N ASN B 85 -18.91 -2.79 -42.29
CA ASN B 85 -18.54 -4.10 -42.83
C ASN B 85 -18.99 -4.34 -44.28
N GLU B 86 -20.00 -3.61 -44.73
CA GLU B 86 -20.42 -3.65 -46.13
C GLU B 86 -19.63 -2.68 -47.00
N GLY B 87 -18.64 -1.99 -46.43
CA GLY B 87 -17.82 -1.03 -47.16
C GLY B 87 -18.33 0.40 -47.15
N LYS B 88 -19.57 0.58 -46.69
CA LYS B 88 -20.23 1.88 -46.70
C LYS B 88 -19.70 2.78 -45.59
N VAL B 89 -18.55 3.38 -45.85
CA VAL B 89 -17.85 4.19 -44.87
C VAL B 89 -18.67 5.41 -44.46
N LYS B 90 -19.04 6.22 -45.44
CA LYS B 90 -19.72 7.48 -45.17
C LYS B 90 -21.06 7.32 -44.48
N GLU B 91 -21.77 6.24 -44.78
CA GLU B 91 -23.02 5.96 -44.08
C GLU B 91 -22.75 5.53 -42.64
N ALA B 92 -21.66 4.80 -42.44
CA ALA B 92 -21.23 4.42 -41.11
C ALA B 92 -20.86 5.66 -40.33
N GLN B 93 -20.15 6.57 -40.98
CA GLN B 93 -19.78 7.86 -40.37
C GLN B 93 -21.00 8.68 -39.99
N ALA B 94 -22.00 8.67 -40.87
CA ALA B 94 -23.25 9.36 -40.61
C ALA B 94 -23.99 8.69 -39.46
N ALA B 95 -23.99 7.36 -39.42
CA ALA B 95 -24.63 6.63 -38.35
C ALA B 95 -23.97 6.94 -37.01
N ALA B 96 -22.65 7.09 -37.03
CA ALA B 96 -21.89 7.40 -35.83
C ALA B 96 -22.16 8.81 -35.34
N GLU B 97 -22.42 9.74 -36.25
CA GLU B 97 -22.82 11.09 -35.86
C GLU B 97 -24.15 11.04 -35.08
N GLN B 98 -25.01 10.07 -35.40
CA GLN B 98 -26.28 9.87 -34.69
C GLN B 98 -26.12 9.35 -33.26
N LEU B 99 -25.08 8.56 -33.01
CA LEU B 99 -24.77 8.09 -31.65
C LEU B 99 -24.60 9.27 -30.72
N LYS B 100 -23.79 10.23 -31.17
CA LYS B 100 -23.49 11.43 -30.42
C LYS B 100 -24.77 12.13 -29.96
N THR B 101 -25.76 12.23 -30.84
CA THR B 101 -27.04 12.84 -30.51
C THR B 101 -27.75 12.04 -29.44
N THR B 102 -27.92 10.74 -29.70
CA THR B 102 -28.58 9.80 -28.78
C THR B 102 -27.92 9.82 -27.40
N ARG B 103 -26.60 9.69 -27.42
CA ARG B 103 -25.78 9.71 -26.22
C ARG B 103 -26.04 10.98 -25.41
N ASN B 104 -25.93 12.13 -26.07
CA ASN B 104 -26.16 13.41 -25.41
C ASN B 104 -27.60 13.54 -24.91
N ALA B 105 -28.56 13.10 -25.71
CA ALA B 105 -29.98 13.31 -25.41
C ALA B 105 -30.51 12.41 -24.31
N TYR B 106 -29.88 11.25 -24.10
CA TYR B 106 -30.45 10.22 -23.20
C TYR B 106 -29.54 9.72 -22.10
N ILE B 107 -28.23 9.82 -22.29
CA ILE B 107 -27.29 9.34 -21.29
C ILE B 107 -26.61 10.50 -20.57
N GLN B 108 -26.32 11.58 -21.30
CA GLN B 108 -25.63 12.76 -20.76
C GLN B 108 -26.05 13.19 -19.36
N LYS B 109 -27.37 13.28 -19.13
CA LYS B 109 -27.90 13.72 -17.85
C LYS B 109 -27.31 12.98 -16.64
N TYR B 110 -27.04 11.69 -16.81
CA TYR B 110 -26.61 10.82 -15.71
C TYR B 110 -25.15 10.99 -15.34
N LEU B 111 -24.36 11.50 -16.29
CA LEU B 111 -22.95 11.76 -16.04
C LEU B 111 -22.81 13.18 -15.60
N GLY B 112 -21.65 13.53 -15.07
CA GLY B 112 -21.38 14.91 -14.72
C GLY B 112 -20.80 15.10 -13.35
N ALA B 113 -21.53 14.66 -12.33
CA ALA B 113 -21.20 15.00 -10.94
C ALA B 113 -19.94 14.31 -10.43
N ARG B 114 -19.43 14.78 -9.30
CA ARG B 114 -18.39 14.05 -8.58
C ARG B 114 -19.07 13.03 -7.67
N SER B 115 -18.33 11.99 -7.32
CA SER B 115 -18.83 10.94 -6.45
C SER B 115 -18.73 11.34 -4.97
N ALA B 116 -19.38 10.57 -4.11
CA ALA B 116 -19.30 10.82 -2.68
C ALA B 116 -17.85 10.74 -2.19
N SER B 117 -17.08 9.79 -2.71
CA SER B 117 -15.65 9.65 -2.33
C SER B 117 -14.90 10.90 -2.69
N SER B 118 -15.21 11.46 -3.86
CA SER B 118 -14.56 12.67 -4.32
C SER B 118 -14.88 13.83 -3.38
N LEU B 119 -16.16 14.00 -3.06
CA LEU B 119 -16.57 15.01 -2.09
C LEU B 119 -15.96 14.76 -0.71
N ALA B 120 -15.86 13.49 -0.30
CA ALA B 120 -15.22 13.12 0.96
C ALA B 120 -13.79 13.63 1.02
N LEU B 121 -13.08 13.45 -0.09
CA LEU B 121 -11.70 13.93 -0.20
C LEU B 121 -11.63 15.44 -0.06
N ALA B 122 -12.54 16.16 -0.70
CA ALA B 122 -12.56 17.62 -0.62
C ALA B 122 -12.81 18.10 0.81
N ILE B 123 -13.69 17.39 1.53
CA ILE B 123 -14.01 17.73 2.92
C ILE B 123 -12.82 17.47 3.85
N ALA B 124 -12.17 16.31 3.69
CA ALA B 124 -11.01 15.97 4.50
C ALA B 124 -9.86 16.94 4.29
N ILE B 125 -9.58 17.27 3.03
CA ILE B 125 -8.57 18.29 2.67
C ILE B 125 -8.92 19.63 3.29
N THR B 126 -10.18 20.03 3.20
CA THR B 126 -10.61 21.30 3.78
C THR B 126 -10.42 21.29 5.29
N ALA B 127 -10.68 20.15 5.92
CA ALA B 127 -10.44 20.00 7.36
C ALA B 127 -8.98 20.23 7.70
N LEU B 128 -8.09 19.47 7.06
CA LEU B 128 -6.65 19.57 7.32
C LEU B 128 -6.07 20.94 7.00
N TYR B 129 -6.44 21.49 5.84
CA TYR B 129 -5.95 22.80 5.43
C TYR B 129 -6.36 23.87 6.43
N SER B 130 -7.56 23.75 6.97
CA SER B 130 -8.07 24.72 7.95
C SER B 130 -7.24 24.67 9.22
N ALA B 131 -6.97 23.46 9.71
CA ALA B 131 -6.19 23.27 10.93
C ALA B 131 -4.78 23.81 10.71
N VAL B 132 -4.20 23.45 9.58
CA VAL B 132 -2.88 23.94 9.20
C VAL B 132 -2.89 25.47 9.09
N CYS B 133 -3.84 26.03 8.36
CA CYS B 133 -3.91 27.48 8.23
C CYS B 133 -3.94 28.16 9.61
N ALA B 134 -4.82 27.69 10.50
CA ALA B 134 -4.99 28.30 11.82
C ALA B 134 -3.71 28.29 12.66
N VAL B 135 -3.12 27.12 12.81
CA VAL B 135 -1.93 26.95 13.62
C VAL B 135 -0.74 27.61 12.94
N GLY B 136 -0.66 27.42 11.62
CA GLY B 136 0.47 27.94 10.84
C GLY B 136 0.48 29.46 10.80
N LEU B 137 -0.66 30.05 10.50
CA LEU B 137 -0.75 31.50 10.30
C LEU B 137 -0.59 32.25 11.60
N LEU B 138 -1.28 31.79 12.65
CA LEU B 138 -1.17 32.43 13.96
C LEU B 138 0.24 32.23 14.49
N GLY B 139 0.73 30.99 14.40
CA GLY B 139 2.03 30.60 14.92
C GLY B 139 3.22 31.36 14.35
N ASN B 140 3.25 31.52 13.04
CA ASN B 140 4.33 32.25 12.38
C ASN B 140 4.22 33.78 12.47
N VAL B 141 2.99 34.28 12.58
CA VAL B 141 2.79 35.71 12.84
C VAL B 141 3.31 36.05 14.24
N LEU B 142 3.08 35.15 15.19
CA LEU B 142 3.68 35.29 16.52
C LEU B 142 5.20 35.30 16.49
N VAL B 143 5.81 34.37 15.75
CA VAL B 143 7.26 34.31 15.64
C VAL B 143 7.83 35.61 15.08
N MET B 144 7.26 36.10 13.98
CA MET B 144 7.71 37.35 13.37
C MET B 144 7.56 38.55 14.31
N PHE B 145 6.44 38.62 15.03
CA PHE B 145 6.22 39.70 15.99
C PHE B 145 7.25 39.65 17.11
N GLY B 146 7.52 38.44 17.61
CA GLY B 146 8.48 38.24 18.68
C GLY B 146 9.90 38.64 18.31
N ILE B 147 10.32 38.30 17.09
CA ILE B 147 11.65 38.65 16.61
C ILE B 147 11.84 40.16 16.48
N VAL B 148 10.83 40.87 16.00
CA VAL B 148 10.89 42.32 15.83
C VAL B 148 10.80 43.04 17.18
N ARG B 149 9.85 42.62 18.00
CA ARG B 149 9.49 43.34 19.23
C ARG B 149 10.57 43.33 20.33
N TYR B 150 11.40 42.29 20.37
CA TYR B 150 12.32 42.08 21.49
C TYR B 150 13.81 42.18 21.13
N THR B 151 14.52 43.05 21.84
CA THR B 151 15.98 43.20 21.76
C THR B 151 16.73 41.86 21.78
N LYS B 152 16.47 41.05 22.79
CA LYS B 152 17.17 39.77 22.99
C LYS B 152 17.02 38.79 21.82
N MET B 153 16.04 39.03 20.94
CA MET B 153 15.79 38.17 19.79
C MET B 153 16.64 38.49 18.54
N LYS B 154 17.15 39.71 18.43
CA LYS B 154 17.94 40.11 17.27
C LYS B 154 19.27 39.33 17.20
N THR B 155 19.21 38.17 16.56
CA THR B 155 20.37 37.29 16.39
C THR B 155 20.42 36.81 14.95
N ALA B 156 21.60 36.47 14.44
CA ALA B 156 21.74 36.02 13.06
C ALA B 156 20.82 34.83 12.79
N THR B 157 20.86 33.84 13.67
CA THR B 157 20.02 32.64 13.54
C THR B 157 18.52 32.97 13.52
N ASN B 158 18.10 33.91 14.36
CA ASN B 158 16.71 34.32 14.42
C ASN B 158 16.24 35.17 13.25
N ILE B 159 17.15 35.88 12.59
CA ILE B 159 16.79 36.62 11.38
C ILE B 159 16.47 35.63 10.26
N TYR B 160 17.26 34.56 10.16
CA TYR B 160 16.95 33.47 9.25
C TYR B 160 15.59 32.84 9.55
N ILE B 161 15.32 32.63 10.83
CA ILE B 161 14.03 32.09 11.27
C ILE B 161 12.88 33.01 10.84
N PHE B 162 13.10 34.32 10.95
CA PHE B 162 12.11 35.30 10.47
C PHE B 162 11.72 35.03 9.01
N ASN B 163 12.69 34.72 8.18
CA ASN B 163 12.46 34.43 6.77
C ASN B 163 11.61 33.17 6.57
N LEU B 164 11.84 32.15 7.39
CA LEU B 164 11.04 30.93 7.34
C LEU B 164 9.60 31.24 7.71
N ALA B 165 9.44 31.98 8.81
CA ALA B 165 8.12 32.37 9.30
C ALA B 165 7.33 33.18 8.27
N LEU B 166 8.02 34.06 7.54
CA LEU B 166 7.40 34.86 6.49
C LEU B 166 6.91 33.99 5.34
N ALA B 167 7.76 33.09 4.87
CA ALA B 167 7.37 32.16 3.83
C ALA B 167 6.20 31.30 4.27
N ASP B 168 6.25 30.82 5.51
CA ASP B 168 5.20 29.96 6.08
C ASP B 168 3.90 30.71 6.35
N ALA B 169 3.99 31.96 6.78
CA ALA B 169 2.80 32.80 6.95
C ALA B 169 2.09 32.96 5.63
N LEU B 170 2.86 33.25 4.58
CA LEU B 170 2.33 33.46 3.23
C LEU B 170 1.72 32.18 2.66
N ALA B 171 2.45 31.08 2.78
CA ALA B 171 1.99 29.80 2.25
C ALA B 171 0.66 29.39 2.87
N THR B 172 0.57 29.49 4.19
CA THR B 172 -0.65 29.10 4.91
C THR B 172 -1.83 30.04 4.62
N SER B 173 -1.55 31.29 4.29
CA SER B 173 -2.62 32.23 3.97
C SER B 173 -3.38 31.83 2.69
N THR B 174 -2.75 31.06 1.81
CA THR B 174 -3.39 30.58 0.57
C THR B 174 -4.36 29.39 0.75
N LEU B 175 -4.29 28.70 1.88
CA LEU B 175 -4.97 27.41 2.04
C LEU B 175 -6.50 27.49 2.01
N PRO B 176 -7.08 28.53 2.65
CA PRO B 176 -8.54 28.67 2.58
C PRO B 176 -9.06 28.81 1.14
N PHE B 177 -8.27 29.47 0.29
CA PHE B 177 -8.66 29.69 -1.09
C PHE B 177 -8.55 28.38 -1.85
N GLN B 178 -7.47 27.66 -1.63
CA GLN B 178 -7.30 26.34 -2.23
C GLN B 178 -8.41 25.39 -1.77
N SER B 179 -8.76 25.43 -0.49
CA SER B 179 -9.85 24.60 0.05
C SER B 179 -11.16 24.87 -0.66
N ALA B 180 -11.48 26.14 -0.82
CA ALA B 180 -12.71 26.57 -1.46
C ALA B 180 -12.77 26.02 -2.89
N LYS B 181 -11.65 26.09 -3.59
CA LYS B 181 -11.57 25.53 -4.93
C LYS B 181 -11.97 24.06 -4.91
N TYR B 182 -11.38 23.29 -4.00
CA TYR B 182 -11.64 21.84 -3.95
C TYR B 182 -13.11 21.54 -3.66
N LEU B 183 -13.72 22.32 -2.77
CA LEU B 183 -15.14 22.15 -2.44
C LEU B 183 -16.06 22.57 -3.60
N MET B 184 -15.80 23.73 -4.19
CA MET B 184 -16.67 24.25 -5.26
C MET B 184 -16.33 23.70 -6.65
N GLU B 185 -15.17 23.08 -6.80
CA GLU B 185 -14.69 22.64 -8.11
C GLU B 185 -14.60 23.79 -9.12
N THR B 186 -14.30 24.99 -8.63
CA THR B 186 -14.06 26.13 -9.50
C THR B 186 -13.24 27.18 -8.75
N TRP B 187 -12.76 28.16 -9.50
CA TRP B 187 -11.93 29.22 -8.94
C TRP B 187 -12.65 30.57 -9.05
N PRO B 188 -13.31 30.99 -7.97
CA PRO B 188 -14.10 32.22 -8.02
C PRO B 188 -13.38 33.49 -7.59
N PHE B 189 -12.05 33.44 -7.44
CA PHE B 189 -11.31 34.53 -6.81
C PHE B 189 -10.60 35.47 -7.77
N GLY B 190 -10.74 35.26 -9.07
CA GLY B 190 -10.10 36.12 -10.07
C GLY B 190 -8.69 35.70 -10.41
N GLU B 191 -8.10 36.36 -11.40
CA GLU B 191 -6.77 35.97 -11.91
C GLU B 191 -5.62 36.44 -11.02
N LEU B 192 -5.75 37.63 -10.44
CA LEU B 192 -4.69 38.21 -9.63
C LEU B 192 -4.39 37.33 -8.43
N LEU B 193 -5.43 36.89 -7.74
CA LEU B 193 -5.25 36.03 -6.58
C LEU B 193 -4.81 34.61 -7.01
N CYS B 194 -5.14 34.21 -8.23
CA CYS B 194 -4.61 32.98 -8.82
C CYS B 194 -3.10 33.11 -8.99
N LYS B 195 -2.66 34.20 -9.58
CA LYS B 195 -1.24 34.47 -9.73
C LYS B 195 -0.53 34.48 -8.38
N ALA B 196 -1.15 35.14 -7.40
CA ALA B 196 -0.59 35.23 -6.06
C ALA B 196 -0.40 33.87 -5.39
N VAL B 197 -1.46 33.06 -5.40
CA VAL B 197 -1.44 31.74 -4.75
C VAL B 197 -0.43 30.80 -5.37
N LEU B 198 -0.40 30.70 -6.69
CA LEU B 198 0.54 29.80 -7.35
C LEU B 198 1.97 30.24 -7.15
N SER B 199 2.26 31.54 -7.31
CA SER B 199 3.64 32.00 -7.14
C SER B 199 4.12 31.90 -5.70
N ILE B 200 3.25 32.23 -4.73
CA ILE B 200 3.54 31.99 -3.31
C ILE B 200 3.91 30.53 -3.01
N ASP B 201 3.28 29.59 -3.70
CA ASP B 201 3.58 28.17 -3.49
C ASP B 201 5.03 27.90 -3.82
N TYR B 202 5.48 28.42 -4.95
CA TYR B 202 6.87 28.27 -5.40
C TYR B 202 7.86 29.05 -4.53
N TYR B 203 7.47 30.25 -4.12
CA TYR B 203 8.29 31.04 -3.21
C TYR B 203 8.53 30.31 -1.88
N ASN B 204 7.48 29.71 -1.33
CA ASN B 204 7.59 28.95 -0.08
C ASN B 204 8.66 27.89 -0.19
N MET B 205 8.56 27.07 -1.24
CA MET B 205 9.49 25.96 -1.46
C MET B 205 10.93 26.43 -1.61
N PHE B 206 11.14 27.44 -2.46
CA PHE B 206 12.49 27.94 -2.76
C PHE B 206 13.12 28.74 -1.61
N THR B 207 12.43 29.76 -1.13
CA THR B 207 12.97 30.59 -0.06
C THR B 207 13.25 29.78 1.20
N SER B 208 12.40 28.79 1.47
CA SER B 208 12.53 27.95 2.68
C SER B 208 13.81 27.15 2.67
N ILE B 209 14.01 26.34 1.64
CA ILE B 209 15.19 25.47 1.52
C ILE B 209 16.48 26.26 1.37
N PHE B 210 16.41 27.36 0.61
CA PHE B 210 17.54 28.27 0.51
C PHE B 210 17.90 28.85 1.87
N THR B 211 16.89 29.17 2.68
CA THR B 211 17.12 29.72 4.00
C THR B 211 17.69 28.66 4.93
N LEU B 212 17.16 27.44 4.84
CA LEU B 212 17.66 26.34 5.67
C LEU B 212 19.09 25.97 5.30
N THR B 213 19.41 26.12 4.02
CA THR B 213 20.78 25.91 3.53
C THR B 213 21.70 26.92 4.20
N MET B 214 21.32 28.19 4.13
CA MET B 214 22.11 29.27 4.72
C MET B 214 22.20 29.20 6.25
N MET B 215 21.19 28.65 6.92
CA MET B 215 21.25 28.42 8.37
C MET B 215 22.26 27.33 8.70
N SER B 216 22.29 26.30 7.87
CA SER B 216 23.29 25.24 8.00
C SER B 216 24.70 25.78 7.77
N VAL B 217 24.87 26.61 6.73
CA VAL B 217 26.16 27.24 6.47
C VAL B 217 26.54 28.16 7.64
N ASP B 218 25.58 28.91 8.16
CA ASP B 218 25.82 29.79 9.30
C ASP B 218 26.31 28.99 10.49
N ARG B 219 25.63 27.89 10.75
CA ARG B 219 26.02 26.97 11.82
C ARG B 219 27.43 26.42 11.58
N TYR B 220 27.69 26.00 10.36
CA TYR B 220 29.02 25.50 10.00
C TYR B 220 30.11 26.52 10.36
N ILE B 221 29.85 27.78 10.03
CA ILE B 221 30.80 28.85 10.31
C ILE B 221 30.89 29.15 11.81
N ALA B 222 29.77 29.13 12.51
CA ALA B 222 29.78 29.37 13.96
C ALA B 222 30.60 28.33 14.74
N VAL B 223 30.59 27.10 14.26
CA VAL B 223 31.25 25.97 14.93
C VAL B 223 32.70 25.79 14.46
N CYS B 224 32.92 25.67 13.15
CA CYS B 224 34.24 25.35 12.60
C CYS B 224 35.16 26.55 12.32
N HIS B 225 34.61 27.76 12.37
CA HIS B 225 35.39 28.97 12.08
C HIS B 225 34.99 30.09 13.01
N PRO B 226 35.24 29.92 14.32
CA PRO B 226 34.75 30.85 15.32
C PRO B 226 35.27 32.26 15.14
N VAL B 227 36.49 32.37 14.64
CA VAL B 227 37.17 33.65 14.49
C VAL B 227 36.60 34.42 13.30
N LYS B 228 36.48 33.74 12.17
CA LYS B 228 35.89 34.34 10.98
C LYS B 228 34.40 34.58 11.20
N ALA B 229 33.75 33.73 11.99
CA ALA B 229 32.31 33.86 12.30
C ALA B 229 31.92 35.23 12.85
N LEU B 230 32.80 35.82 13.64
CA LEU B 230 32.59 37.17 14.17
C LEU B 230 32.40 38.18 13.04
N ASP B 231 33.16 37.99 11.96
CA ASP B 231 33.07 38.82 10.78
C ASP B 231 31.74 38.62 10.04
N PHE B 232 31.34 37.37 9.84
CA PHE B 232 30.17 37.04 9.00
C PHE B 232 28.82 37.09 9.72
N ARG B 233 28.77 36.65 10.98
CA ARG B 233 27.51 36.36 11.63
C ARG B 233 26.89 37.53 12.38
N THR B 234 26.37 38.50 11.66
CA THR B 234 25.64 39.61 12.27
C THR B 234 24.20 39.61 11.80
N PRO B 235 23.29 40.18 12.60
CA PRO B 235 21.90 40.32 12.16
C PRO B 235 21.74 41.05 10.80
N ALA B 236 22.52 42.11 10.59
CA ALA B 236 22.41 42.90 9.36
C ALA B 236 22.76 42.06 8.15
N LYS B 237 23.85 41.31 8.24
CA LYS B 237 24.25 40.44 7.14
C LYS B 237 23.25 39.31 6.89
N ALA B 238 22.68 38.77 7.97
CA ALA B 238 21.61 37.77 7.86
C ALA B 238 20.41 38.34 7.10
N LYS B 239 19.99 39.55 7.48
CA LYS B 239 18.93 40.27 6.77
C LYS B 239 19.27 40.38 5.30
N LEU B 240 20.50 40.78 5.01
CA LEU B 240 20.97 40.92 3.64
C LEU B 240 20.84 39.63 2.84
N ILE B 241 21.21 38.52 3.47
CA ILE B 241 21.14 37.22 2.83
C ILE B 241 19.68 36.81 2.62
N ASN B 242 18.82 37.18 3.56
CA ASN B 242 17.39 36.94 3.42
C ASN B 242 16.85 37.59 2.15
N ILE B 243 17.19 38.85 1.95
CA ILE B 243 16.74 39.58 0.78
C ILE B 243 17.23 38.88 -0.50
N CYS B 244 18.52 38.58 -0.54
CA CYS B 244 19.11 37.83 -1.65
C CYS B 244 18.35 36.54 -1.95
N ILE B 245 17.96 35.84 -0.90
CA ILE B 245 17.19 34.62 -1.05
C ILE B 245 15.88 34.89 -1.81
N TRP B 246 15.18 35.94 -1.42
CA TRP B 246 13.94 36.31 -2.11
C TRP B 246 14.19 36.74 -3.55
N VAL B 247 15.26 37.49 -3.77
CA VAL B 247 15.61 37.94 -5.13
C VAL B 247 15.89 36.71 -6.01
N LEU B 248 16.66 35.77 -5.48
CA LEU B 248 17.07 34.58 -6.23
C LEU B 248 15.86 33.70 -6.52
N ALA B 249 15.04 33.49 -5.50
CA ALA B 249 13.82 32.69 -5.63
C ALA B 249 12.83 33.31 -6.63
N SER B 250 12.92 34.62 -6.84
CA SER B 250 12.10 35.30 -7.85
C SER B 250 12.47 34.91 -9.29
N GLY B 251 13.61 34.27 -9.47
CA GLY B 251 13.95 33.65 -10.74
C GLY B 251 12.91 32.64 -11.18
N VAL B 252 12.35 31.90 -10.23
CA VAL B 252 11.23 30.99 -10.50
C VAL B 252 9.88 31.65 -10.21
N GLY B 253 9.81 32.47 -9.17
CA GLY B 253 8.58 33.13 -8.73
C GLY B 253 7.93 34.02 -9.77
N VAL B 254 8.74 34.82 -10.46
CA VAL B 254 8.22 35.76 -11.47
C VAL B 254 7.65 35.05 -12.70
N PRO B 255 8.42 34.16 -13.33
CA PRO B 255 7.82 33.37 -14.41
C PRO B 255 6.46 32.77 -14.04
N ILE B 256 6.34 32.28 -12.80
CA ILE B 256 5.10 31.65 -12.33
C ILE B 256 3.97 32.68 -12.24
N MET B 257 4.27 33.89 -11.76
CA MET B 257 3.28 34.97 -11.77
C MET B 257 2.74 35.19 -13.18
N VAL B 258 3.64 35.20 -14.15
CA VAL B 258 3.29 35.48 -15.54
C VAL B 258 2.45 34.36 -16.14
N MET B 259 2.91 33.11 -15.99
CA MET B 259 2.24 31.96 -16.58
C MET B 259 0.96 31.54 -15.87
N ALA B 260 0.72 32.04 -14.67
CA ALA B 260 -0.50 31.71 -13.92
C ALA B 260 -1.70 32.49 -14.48
N VAL B 261 -2.71 31.77 -14.96
CA VAL B 261 -3.91 32.37 -15.56
C VAL B 261 -5.19 31.69 -15.10
N THR B 262 -6.33 32.35 -15.26
CA THR B 262 -7.61 31.69 -15.08
C THR B 262 -8.30 31.57 -16.44
N ARG B 263 -8.84 30.37 -16.70
CA ARG B 263 -9.50 30.04 -17.96
C ARG B 263 -10.81 29.33 -17.69
N PRO B 264 -11.85 29.63 -18.49
CA PRO B 264 -13.06 28.81 -18.41
C PRO B 264 -12.78 27.46 -19.07
N ARG B 265 -13.17 26.38 -18.41
CA ARG B 265 -12.96 25.04 -18.95
C ARG B 265 -13.97 24.07 -18.35
N ASP B 266 -14.73 23.41 -19.22
CA ASP B 266 -15.75 22.44 -18.82
C ASP B 266 -16.70 22.98 -17.74
N GLY B 267 -17.22 24.19 -17.95
CA GLY B 267 -18.23 24.75 -17.05
C GLY B 267 -17.71 25.22 -15.70
N ALA B 268 -16.41 25.44 -15.62
CA ALA B 268 -15.80 25.95 -14.42
C ALA B 268 -14.69 26.91 -14.81
N VAL B 269 -14.22 27.71 -13.86
CA VAL B 269 -13.03 28.50 -14.06
C VAL B 269 -11.90 27.76 -13.36
N VAL B 270 -10.81 27.51 -14.06
CA VAL B 270 -9.63 26.88 -13.43
C VAL B 270 -8.47 27.86 -13.37
N CYS B 271 -7.78 27.83 -12.25
CA CYS B 271 -6.56 28.60 -12.06
C CYS B 271 -5.44 27.61 -12.34
N MET B 272 -4.61 27.90 -13.32
CA MET B 272 -3.62 26.94 -13.78
C MET B 272 -2.35 27.61 -14.27
N LEU B 273 -1.29 26.82 -14.43
CA LEU B 273 -0.08 27.30 -15.09
C LEU B 273 -0.12 26.99 -16.58
N GLN B 274 -0.02 28.02 -17.40
CA GLN B 274 0.01 27.85 -18.85
C GLN B 274 1.44 28.02 -19.35
N PHE B 275 2.10 26.89 -19.60
CA PHE B 275 3.47 26.89 -20.13
C PHE B 275 3.47 27.15 -21.64
N PRO B 276 4.56 27.76 -22.16
CA PRO B 276 4.62 27.97 -23.59
C PRO B 276 4.69 26.65 -24.36
N SER B 277 4.44 26.69 -25.67
CA SER B 277 4.47 25.49 -26.49
C SER B 277 5.90 24.95 -26.60
N PRO B 278 6.08 23.63 -26.48
CA PRO B 278 5.09 22.63 -26.10
C PRO B 278 4.92 22.58 -24.58
N SER B 279 3.69 22.78 -24.10
CA SER B 279 3.41 22.87 -22.65
C SER B 279 3.98 21.70 -21.87
N TRP B 280 3.70 20.48 -22.32
CA TRP B 280 4.19 19.26 -21.66
C TRP B 280 5.71 19.26 -21.43
N TYR B 281 6.45 19.84 -22.36
CA TYR B 281 7.91 19.87 -22.26
C TYR B 281 8.38 20.82 -21.15
N TRP B 282 7.87 22.05 -21.16
CA TRP B 282 8.31 23.05 -20.17
C TRP B 282 7.79 22.73 -18.77
N ASP B 283 6.58 22.20 -18.71
CA ASP B 283 6.03 21.70 -17.47
C ASP B 283 6.99 20.70 -16.83
N THR B 284 7.49 19.77 -17.64
CA THR B 284 8.41 18.76 -17.16
C THR B 284 9.81 19.30 -16.85
N VAL B 285 10.28 20.26 -17.64
CA VAL B 285 11.55 20.91 -17.33
C VAL B 285 11.46 21.63 -15.98
N THR B 286 10.34 22.30 -15.73
CA THR B 286 10.14 23.01 -14.47
C THR B 286 10.14 22.04 -13.30
N LYS B 287 9.42 20.93 -13.45
CA LYS B 287 9.32 19.96 -12.37
C LYS B 287 10.66 19.35 -12.00
N ILE B 288 11.47 18.98 -13.00
CA ILE B 288 12.81 18.44 -12.74
C ILE B 288 13.72 19.52 -12.18
N CYS B 289 13.56 20.76 -12.62
CA CYS B 289 14.35 21.88 -12.06
C CYS B 289 14.01 22.14 -10.59
N VAL B 290 12.71 22.18 -10.29
CA VAL B 290 12.22 22.35 -8.93
C VAL B 290 12.80 21.26 -8.03
N PHE B 291 12.75 20.02 -8.51
CA PHE B 291 13.22 18.87 -7.74
C PHE B 291 14.73 18.94 -7.44
N LEU B 292 15.50 19.39 -8.42
CA LEU B 292 16.96 19.46 -8.27
C LEU B 292 17.36 20.67 -7.44
N PHE B 293 16.98 21.85 -7.91
CA PHE B 293 17.47 23.09 -7.31
C PHE B 293 16.75 23.53 -6.03
N ALA B 294 15.57 22.98 -5.77
CA ALA B 294 14.85 23.32 -4.53
C ALA B 294 14.72 22.15 -3.57
N PHE B 295 15.47 21.07 -3.79
CA PHE B 295 15.43 19.93 -2.86
C PHE B 295 16.72 19.13 -2.80
N VAL B 296 17.11 18.52 -3.92
CA VAL B 296 18.26 17.62 -3.96
C VAL B 296 19.56 18.37 -3.68
N VAL B 297 19.90 19.32 -4.54
CA VAL B 297 21.17 20.05 -4.44
C VAL B 297 21.32 20.78 -3.08
N PRO B 298 20.27 21.49 -2.61
CA PRO B 298 20.36 22.10 -1.30
C PRO B 298 20.59 21.10 -0.17
N ILE B 299 19.99 19.92 -0.28
CA ILE B 299 20.17 18.87 0.73
C ILE B 299 21.61 18.33 0.73
N LEU B 300 22.23 18.18 -0.43
CA LEU B 300 23.65 17.83 -0.50
C LEU B 300 24.50 18.83 0.27
N ILE B 301 24.28 20.10 -0.01
CA ILE B 301 25.05 21.16 0.64
C ILE B 301 24.88 21.10 2.16
N ILE B 302 23.63 20.96 2.63
CA ILE B 302 23.33 20.87 4.06
C ILE B 302 23.99 19.64 4.66
N THR B 303 23.94 18.52 3.94
CA THR B 303 24.57 17.27 4.38
C THR B 303 26.07 17.46 4.56
N VAL B 304 26.73 18.05 3.56
CA VAL B 304 28.15 18.35 3.66
C VAL B 304 28.43 19.25 4.87
N CYS B 305 27.64 20.31 5.05
CA CYS B 305 27.85 21.23 6.17
C CYS B 305 27.83 20.52 7.52
N TYR B 306 26.86 19.64 7.72
CA TYR B 306 26.76 18.88 8.98
C TYR B 306 27.83 17.80 9.11
N GLY B 307 28.15 17.14 8.01
CA GLY B 307 29.25 16.18 7.97
C GLY B 307 30.54 16.76 8.52
N LEU B 308 30.88 17.95 8.03
CA LEU B 308 32.09 18.66 8.49
C LEU B 308 31.96 19.15 9.94
N MET B 309 30.72 19.44 10.37
CA MET B 309 30.46 19.85 11.75
C MET B 309 30.57 18.72 12.75
N LEU B 310 30.27 17.49 12.31
CA LEU B 310 30.35 16.30 13.19
C LEU B 310 31.76 16.10 13.73
N LEU B 311 32.76 16.36 12.88
CA LEU B 311 34.18 16.28 13.26
C LEU B 311 34.50 17.11 14.51
N ARG B 312 33.94 18.33 14.59
CA ARG B 312 34.17 19.24 15.72
C ARG B 312 33.13 19.11 16.84
N LEU B 313 31.88 18.82 16.48
CA LEU B 313 30.80 18.70 17.48
C LEU B 313 30.95 17.47 18.38
N ARG B 314 31.25 16.32 17.78
CA ARG B 314 31.41 15.08 18.53
C ARG B 314 32.79 14.99 19.19
N SER B 315 33.85 15.31 18.43
CA SER B 315 35.24 15.11 18.89
C SER B 315 35.86 16.33 19.60
N VAL B 316 35.10 16.95 20.49
CA VAL B 316 35.59 18.06 21.31
C VAL B 316 34.74 18.24 22.56
N ARG B 317 35.18 19.15 23.43
CA ARG B 317 34.41 19.52 24.62
C ARG B 317 34.24 21.03 24.77
N LEU B 318 35.33 21.80 24.62
CA LEU B 318 35.27 23.26 24.71
C LEU B 318 35.21 23.91 23.33
N LEU B 319 34.02 24.31 22.90
CA LEU B 319 33.85 25.01 21.62
C LEU B 319 34.06 26.51 21.81
N SER B 320 33.44 27.06 22.86
CA SER B 320 33.64 28.46 23.24
C SER B 320 34.40 28.54 24.56
N GLY B 321 34.69 29.76 24.99
CA GLY B 321 35.46 29.99 26.23
C GLY B 321 34.64 30.01 27.51
N SER B 322 33.43 29.45 27.47
CA SER B 322 32.51 29.50 28.59
C SER B 322 31.45 28.38 28.48
N LYS B 323 30.89 27.97 29.61
CA LYS B 323 29.86 26.91 29.65
C LYS B 323 28.55 27.34 28.96
N GLU B 324 28.08 28.54 29.30
CA GLU B 324 26.83 29.09 28.76
C GLU B 324 26.85 29.20 27.24
N LYS B 325 27.94 29.75 26.70
CA LYS B 325 28.09 29.93 25.24
C LYS B 325 28.18 28.58 24.51
N ASP B 326 29.01 27.68 25.03
CA ASP B 326 29.19 26.36 24.42
C ASP B 326 27.85 25.62 24.26
N ARG B 327 27.08 25.53 25.34
CA ARG B 327 25.78 24.85 25.29
C ARG B 327 24.81 25.61 24.39
N SER B 328 24.93 26.93 24.35
CA SER B 328 24.10 27.79 23.51
C SER B 328 24.42 27.58 22.03
N LEU B 329 25.71 27.48 21.68
CA LEU B 329 26.13 27.15 20.31
C LEU B 329 25.68 25.76 19.88
N ARG B 330 25.64 24.82 20.83
CA ARG B 330 25.35 23.42 20.55
C ARG B 330 23.87 23.14 20.34
N ARG B 331 23.01 23.77 21.14
CA ARG B 331 21.57 23.53 21.07
C ARG B 331 20.93 24.24 19.87
N ILE B 332 21.47 25.41 19.52
CA ILE B 332 21.03 26.11 18.31
C ILE B 332 21.38 25.30 17.08
N THR B 333 22.55 24.67 17.10
CA THR B 333 22.97 23.79 16.01
C THR B 333 22.06 22.57 15.90
N ARG B 334 21.69 22.01 17.04
CA ARG B 334 20.76 20.88 17.09
C ARG B 334 19.36 21.26 16.56
N MET B 335 18.90 22.46 16.92
CA MET B 335 17.59 22.94 16.45
C MET B 335 17.54 23.02 14.93
N VAL B 336 18.56 23.62 14.33
CA VAL B 336 18.63 23.77 12.89
C VAL B 336 18.56 22.39 12.21
N LEU B 337 19.36 21.43 12.69
CA LEU B 337 19.30 20.06 12.17
C LEU B 337 17.88 19.46 12.26
N VAL B 338 17.21 19.69 13.39
CA VAL B 338 15.87 19.16 13.60
C VAL B 338 14.87 19.84 12.67
N VAL B 339 14.97 21.16 12.53
CA VAL B 339 14.11 21.92 11.61
C VAL B 339 14.36 21.47 10.17
N VAL B 340 15.63 21.27 9.82
CA VAL B 340 15.99 20.72 8.51
C VAL B 340 15.37 19.35 8.31
N GLY B 341 15.57 18.47 9.29
CA GLY B 341 15.02 17.12 9.24
C GLY B 341 13.52 17.09 9.04
N ALA B 342 12.81 17.88 9.84
CA ALA B 342 11.37 18.01 9.74
C ALA B 342 10.93 18.51 8.37
N PHE B 343 11.70 19.44 7.80
CA PHE B 343 11.42 19.93 6.45
C PHE B 343 11.55 18.81 5.41
N VAL B 344 12.62 18.02 5.50
CA VAL B 344 12.89 16.95 4.53
C VAL B 344 11.84 15.85 4.64
N VAL B 345 11.54 15.43 5.86
CA VAL B 345 10.49 14.45 6.11
C VAL B 345 9.17 14.91 5.52
N CYS B 346 8.78 16.16 5.79
CA CYS B 346 7.51 16.71 5.33
C CYS B 346 7.41 16.84 3.83
N TRP B 347 8.51 17.24 3.18
CA TRP B 347 8.50 17.58 1.76
C TRP B 347 8.92 16.45 0.82
N ALA B 348 9.72 15.49 1.30
CA ALA B 348 10.23 14.43 0.42
C ALA B 348 9.13 13.61 -0.26
N PRO B 349 8.08 13.24 0.48
CA PRO B 349 7.06 12.39 -0.13
C PRO B 349 6.41 13.03 -1.36
N ILE B 350 5.89 14.24 -1.23
CA ILE B 350 5.26 14.88 -2.37
C ILE B 350 6.27 15.09 -3.51
N HIS B 351 7.49 15.49 -3.19
CA HIS B 351 8.49 15.75 -4.24
C HIS B 351 8.77 14.50 -5.05
N ILE B 352 8.89 13.37 -4.37
CA ILE B 352 9.07 12.08 -5.05
C ILE B 352 7.81 11.77 -5.87
N PHE B 353 6.65 11.97 -5.27
CA PHE B 353 5.37 11.65 -5.92
C PHE B 353 5.22 12.39 -7.23
N VAL B 354 5.59 13.66 -7.23
CA VAL B 354 5.41 14.51 -8.42
C VAL B 354 6.23 13.99 -9.59
N ILE B 355 7.47 13.61 -9.30
CA ILE B 355 8.37 13.06 -10.32
C ILE B 355 7.81 11.73 -10.87
N VAL B 356 7.35 10.87 -9.97
CA VAL B 356 6.74 9.59 -10.34
C VAL B 356 5.47 9.83 -11.17
N TRP B 357 4.61 10.70 -10.68
CA TRP B 357 3.38 11.08 -11.37
C TRP B 357 3.66 11.59 -12.78
N THR B 358 4.71 12.40 -12.93
CA THR B 358 5.06 13.02 -14.20
C THR B 358 5.69 12.06 -15.18
N LEU B 359 6.58 11.19 -14.69
CA LEU B 359 7.38 10.34 -15.58
C LEU B 359 6.87 8.90 -15.77
N VAL B 360 6.20 8.34 -14.78
CA VAL B 360 5.79 6.93 -14.81
C VAL B 360 4.32 6.75 -15.19
N ASP B 361 4.02 5.71 -15.96
CA ASP B 361 2.64 5.36 -16.28
C ASP B 361 1.97 4.70 -15.09
N ILE B 362 1.42 5.53 -14.22
CA ILE B 362 0.65 5.05 -13.08
C ILE B 362 -0.82 5.40 -13.29
N ASP B 363 -1.69 4.69 -12.60
CA ASP B 363 -3.10 4.95 -12.70
C ASP B 363 -3.43 6.22 -11.91
N ARG B 364 -3.47 7.35 -12.63
CA ARG B 364 -3.73 8.66 -12.03
C ARG B 364 -5.18 8.86 -11.57
N ARG B 365 -6.10 7.96 -11.94
CA ARG B 365 -7.49 8.04 -11.51
C ARG B 365 -7.85 7.00 -10.44
N ASP B 366 -6.87 6.21 -10.01
CA ASP B 366 -7.05 5.25 -8.91
C ASP B 366 -7.31 6.01 -7.59
N PRO B 367 -8.43 5.72 -6.91
CA PRO B 367 -8.80 6.30 -5.62
C PRO B 367 -7.67 6.38 -4.58
N LEU B 368 -6.86 5.34 -4.48
CA LEU B 368 -5.82 5.27 -3.47
C LEU B 368 -4.67 6.21 -3.82
N VAL B 369 -4.24 6.18 -5.08
CA VAL B 369 -3.16 7.03 -5.55
C VAL B 369 -3.53 8.51 -5.33
N VAL B 370 -4.77 8.86 -5.66
CA VAL B 370 -5.23 10.24 -5.54
C VAL B 370 -5.32 10.67 -4.06
N ALA B 371 -5.72 9.74 -3.21
CA ALA B 371 -5.82 10.00 -1.78
C ALA B 371 -4.43 10.22 -1.20
N ALA B 372 -3.51 9.32 -1.55
CA ALA B 372 -2.13 9.40 -1.09
C ALA B 372 -1.47 10.67 -1.59
N LEU B 373 -1.70 11.01 -2.85
CA LEU B 373 -1.12 12.22 -3.42
C LEU B 373 -1.53 13.44 -2.62
N HIS B 374 -2.83 13.54 -2.34
CA HIS B 374 -3.36 14.69 -1.65
C HIS B 374 -2.93 14.77 -0.20
N LEU B 375 -2.71 13.60 0.40
CA LEU B 375 -2.15 13.51 1.74
C LEU B 375 -0.71 14.04 1.73
N CYS B 376 0.06 13.65 0.70
CA CYS B 376 1.44 14.10 0.58
C CYS B 376 1.53 15.62 0.33
N ILE B 377 0.62 16.16 -0.49
CA ILE B 377 0.53 17.60 -0.71
C ILE B 377 0.24 18.29 0.61
N ALA B 378 -0.72 17.76 1.35
CA ALA B 378 -1.11 18.30 2.66
C ALA B 378 0.06 18.30 3.65
N LEU B 379 0.85 17.22 3.63
CA LEU B 379 2.01 17.09 4.54
C LEU B 379 3.05 18.19 4.26
N GLY B 380 3.24 18.53 3.00
CA GLY B 380 4.08 19.66 2.63
C GLY B 380 3.64 20.96 3.28
N TYR B 381 2.34 21.25 3.26
CA TYR B 381 1.82 22.45 3.90
C TYR B 381 1.90 22.35 5.42
N ALA B 382 1.75 21.14 5.95
CA ALA B 382 1.81 20.91 7.39
C ALA B 382 3.14 21.38 7.96
N ASN B 383 4.21 21.30 7.15
CA ASN B 383 5.52 21.78 7.57
C ASN B 383 5.44 23.18 8.15
N SER B 384 4.64 24.03 7.51
CA SER B 384 4.47 25.42 7.91
C SER B 384 3.87 25.58 9.31
N SER B 385 2.92 24.72 9.67
CA SER B 385 2.30 24.78 11.00
C SER B 385 3.18 24.10 12.08
N LEU B 386 3.99 23.15 11.65
CA LEU B 386 4.88 22.45 12.56
C LEU B 386 6.05 23.33 13.05
N ASN B 387 6.55 24.23 12.20
CA ASN B 387 7.78 24.98 12.51
C ASN B 387 7.72 25.92 13.73
N PRO B 388 6.66 26.72 13.84
CA PRO B 388 6.48 27.50 15.08
C PRO B 388 6.57 26.66 16.36
N VAL B 389 5.98 25.47 16.33
CA VAL B 389 5.97 24.58 17.49
C VAL B 389 7.39 24.06 17.76
N LEU B 390 8.15 23.77 16.71
CA LEU B 390 9.56 23.37 16.85
C LEU B 390 10.43 24.46 17.49
N TYR B 391 10.17 25.74 17.17
CA TYR B 391 10.94 26.85 17.74
C TYR B 391 10.65 26.95 19.23
N ALA B 392 9.39 26.80 19.60
CA ALA B 392 8.98 26.83 21.01
C ALA B 392 9.61 25.67 21.80
N PHE B 393 9.65 24.50 21.19
CA PHE B 393 10.17 23.29 21.81
C PHE B 393 11.69 23.35 21.97
N LEU B 394 12.38 23.88 20.96
CA LEU B 394 13.84 23.68 20.82
C LEU B 394 14.72 24.88 21.16
N ASP B 395 14.13 26.01 21.51
CA ASP B 395 14.90 27.23 21.73
C ASP B 395 14.42 27.93 22.99
N GLU B 396 15.37 28.36 23.80
CA GLU B 396 15.10 28.94 25.12
C GLU B 396 14.23 30.20 25.01
N ASN B 397 14.66 31.11 24.16
CA ASN B 397 13.99 32.40 24.01
C ASN B 397 12.60 32.33 23.36
N PHE B 398 12.40 31.36 22.47
CA PHE B 398 11.08 31.16 21.87
C PHE B 398 10.10 30.58 22.89
N LYS B 399 10.62 29.72 23.77
CA LYS B 399 9.82 29.15 24.85
C LYS B 399 9.36 30.27 25.78
N ARG B 400 10.30 31.13 26.19
CA ARG B 400 9.98 32.29 27.02
C ARG B 400 9.00 33.27 26.35
N CYS B 401 9.17 33.48 25.04
CA CYS B 401 8.26 34.35 24.28
C CYS B 401 6.86 33.76 24.17
N PHE B 402 6.78 32.45 23.95
CA PHE B 402 5.48 31.81 23.78
C PHE B 402 4.74 31.65 25.14
N ARG B 403 5.49 31.48 26.24
CA ARG B 403 4.89 31.42 27.59
C ARG B 403 4.36 32.79 28.04
N GLN B 404 5.05 33.86 27.66
CA GLN B 404 4.60 35.22 27.96
C GLN B 404 3.23 35.54 27.32
N LEU B 405 2.91 34.88 26.21
CA LEU B 405 1.57 35.00 25.59
C LEU B 405 0.53 34.23 26.40
C DI7 C 1 2.23 20.34 -5.07
N DI7 C 1 1.92 22.40 -3.76
O DI7 C 1 2.14 19.61 -4.08
CA DI7 C 1 2.68 21.83 -4.89
CB DI7 C 1 4.20 21.97 -4.60
CD DI7 C 1 4.94 21.69 -5.73
OH DI7 C 1 7.22 20.85 -9.14
CZ DI7 C 1 6.48 21.11 -8.02
CD1 DI7 C 1 5.67 20.47 -5.83
CD2 DI7 C 1 5.02 22.60 -6.81
CE1 DI7 C 1 6.43 20.20 -6.98
CE2 DI7 C 1 5.77 22.29 -7.92
CE3 DI7 C 1 5.66 19.50 -4.79
CE4 DI7 C 1 4.37 23.84 -6.84
C DI8 C 2 0.77 21.10 -8.06
N DI8 C 2 1.92 19.88 -6.29
O DI8 C 2 -0.23 21.05 -7.37
C1 DI8 C 2 2.85 19.79 -8.52
C2 DI8 C 2 2.16 18.63 -8.76
C3 DI8 C 2 2.13 18.10 -10.04
C4 DI8 C 2 1.46 16.91 -10.28
C5 DI8 C 2 0.82 16.24 -9.25
C6 DI8 C 2 0.85 16.77 -7.96
C7 DI8 C 2 1.52 17.96 -7.71
C8 DI8 C 2 1.53 18.44 -6.39
CA DI8 C 2 2.03 20.67 -7.58
N PHE C 3 0.76 21.59 -9.30
CA PHE C 3 -0.44 22.18 -9.89
C PHE C 3 -0.45 21.88 -11.39
N PHE C 4 -1.66 21.83 -11.96
CA PHE C 4 -1.81 21.68 -13.43
C PHE C 4 -1.50 23.08 -14.00
N NH2 C 5 -0.53 23.16 -14.91
C DI7 D 1 -1.71 -20.30 6.13
N DI7 D 1 -0.16 -21.93 7.07
O DI7 D 1 -0.96 -19.34 6.38
CA DI7 D 1 -1.60 -21.58 6.96
CB DI7 D 1 -2.21 -21.36 8.38
CD DI7 D 1 -3.59 -21.25 8.30
OH DI7 D 1 -7.75 -20.98 8.20
CZ DI7 D 1 -6.39 -21.04 8.24
CD1 DI7 D 1 -4.23 -20.01 8.56
CD2 DI7 D 1 -4.40 -22.38 8.05
CE1 DI7 D 1 -5.62 -19.92 8.51
CE2 DI7 D 1 -5.78 -22.25 8.02
CE3 DI7 D 1 -3.51 -18.84 8.83
CE4 DI7 D 1 -3.94 -23.69 7.82
C DI8 D 2 -3.25 -21.93 3.53
N DI8 D 2 -2.63 -20.24 5.13
O DI8 D 2 -2.20 -21.62 2.96
C1 DI8 D 2 -4.97 -20.63 4.66
C2 DI8 D 2 -4.90 -19.63 3.70
C3 DI8 D 2 -6.00 -19.41 2.86
C4 DI8 D 2 -5.97 -18.41 1.89
C5 DI8 D 2 -4.87 -17.59 1.77
C6 DI8 D 2 -3.78 -17.79 2.62
C7 DI8 D 2 -3.79 -18.80 3.58
C8 DI8 D 2 -2.67 -18.94 4.40
CA DI8 D 2 -3.60 -21.32 4.75
N PHE D 3 -4.07 -22.86 3.03
CA PHE D 3 -3.78 -23.51 1.73
C PHE D 3 -5.07 -23.57 0.88
N PHE D 4 -4.90 -24.10 -0.35
CA PHE D 4 -6.01 -24.32 -1.30
C PHE D 4 -6.69 -25.61 -0.83
N NH2 D 5 -8.02 -25.60 -0.81
C1 OLA E . 12.61 -8.87 -10.27
O1 OLA E . 11.68 -8.41 -10.98
O2 OLA E . 13.65 -9.33 -10.77
C2 OLA E . 12.47 -8.87 -8.76
C3 OLA E . 13.40 -7.84 -8.12
C4 OLA E . 14.83 -8.37 -7.91
C5 OLA E . 15.27 -8.39 -6.45
C6 OLA E . 14.68 -9.58 -5.69
C7 OLA E . 15.38 -9.84 -4.36
C8 OLA E . 16.30 -11.07 -4.37
C9 OLA E . 15.56 -12.29 -3.83
C10 OLA E . 16.10 -13.19 -3.00
C11 OLA E . 17.52 -13.08 -2.47
C12 OLA E . 17.80 -14.15 -1.41
C13 OLA E . 18.32 -15.47 -2.00
C14 OLA E . 19.66 -15.91 -1.42
C15 OLA E . 20.37 -16.93 -2.32
C16 OLA E . 19.61 -18.25 -2.39
NA NA F . 3.56 -22.87 17.67
C4 OLA G . -4.30 -6.07 3.04
C5 OLA G . -5.23 -6.88 3.95
C6 OLA G . -4.98 -6.56 5.43
C7 OLA G . -3.97 -7.53 6.03
C8 OLA G . -3.67 -7.18 7.49
C9 OLA G . -2.36 -6.41 7.61
C10 OLA G . -1.94 -5.93 8.78
C11 OLA G . -2.71 -6.12 10.07
C12 OLA G . -2.06 -5.31 11.21
C13 OLA G . -2.25 -5.92 12.58
C14 OLA G . -0.92 -6.04 13.34
C15 OLA G . -1.08 -6.61 14.75
C16 OLA G . 0.11 -6.23 15.63
C24 OLC H . 8.64 -34.06 29.62
C6 OLC H . 1.22 -36.21 22.13
C5 OLC H . 2.31 -35.39 22.83
C4 OLC H . 2.07 -35.32 24.33
C3 OLC H . 3.19 -34.63 25.08
C2 OLC H . 3.33 -35.27 26.46
C21 OLC H . 6.34 -34.23 28.66
C1 OLC H . 4.22 -34.44 27.35
C22 OLC H . 7.73 -34.83 28.67
O19 OLC H . 3.82 -33.40 27.83
O25 OLC H . 9.23 -34.92 30.60
O23 OLC H . 7.65 -36.21 29.06
O20 OLC H . 5.57 -34.89 27.66
C24 OLC I . -8.80 -28.62 30.81
C6 OLC I . -10.59 -23.24 24.01
C5 OLC I . -9.37 -23.47 24.88
C4 OLC I . -9.38 -24.87 25.51
C3 OLC I . -7.98 -25.47 25.63
C2 OLC I . -7.79 -26.30 26.91
C21 OLC I . -7.94 -29.43 28.60
C1 OLC I . -8.12 -27.76 26.74
C22 OLC I . -8.68 -29.82 29.87
O19 OLC I . -7.88 -28.34 25.69
O25 OLC I . -8.99 -29.07 32.17
O23 OLC I . -9.99 -30.30 29.54
O20 OLC I . -8.72 -28.52 27.83
C1 OLA J . 4.55 -11.80 -7.56
O1 OLA J . 4.86 -10.97 -8.44
O2 OLA J . 3.87 -12.83 -7.82
C2 OLA J . 5.02 -11.58 -6.14
C3 OLA J . 5.52 -10.15 -5.91
C4 OLA J . 7.00 -9.98 -6.25
C5 OLA J . 7.84 -9.75 -4.99
C6 OLA J . 9.34 -9.80 -5.28
C7 OLA J . 10.11 -10.70 -4.30
C8 OLA J . 11.05 -9.92 -3.37
C9 OLA J . 11.01 -10.46 -1.95
C10 OLA J . 11.38 -9.70 -0.92
C1 OLA K . -17.45 7.21 1.05
O1 OLA K . -16.36 7.05 0.45
O2 OLA K . -18.54 6.75 0.63
C2 OLA K . -17.45 8.01 2.34
C3 OLA K . -16.19 7.75 3.16
C4 OLA K . -16.43 8.07 4.64
C5 OLA K . -15.28 8.83 5.28
C6 OLA K . -15.56 10.33 5.34
C7 OLA K . -14.29 11.12 5.62
C8 OLA K . -14.58 12.58 5.99
C9 OLA K . -14.89 12.64 7.47
C10 OLA K . -14.65 13.72 8.23
C11 OLA K . -14.07 15.02 7.71
C12 OLA K . -14.26 16.14 8.73
C13 OLA K . -15.73 16.44 9.02
C14 OLA K . -16.04 17.93 9.20
NA NA L . 8.20 26.93 4.44
C8 OLA M . 4.00 5.61 -4.69
C9 OLA M . 5.01 6.62 -5.18
C10 OLA M . 5.61 7.49 -4.35
C11 OLA M . 5.32 7.51 -2.87
C12 OLA M . 6.47 8.20 -2.15
C13 OLA M . 6.15 8.43 -0.67
C14 OLA M . 7.08 7.64 0.25
C15 OLA M . 8.48 8.27 0.35
C16 OLA M . 9.21 7.77 1.60
C17 OLA M . 10.38 8.67 2.01
C18 OLA M . 10.50 8.84 3.52
C1 OLA N . -11.02 9.79 -4.75
O1 OLA N . -10.50 10.90 -4.56
O2 OLA N . -11.52 9.50 -5.86
C2 OLA N . -11.07 8.75 -3.64
C3 OLA N . -10.44 9.24 -2.33
C4 OLA N . -11.09 8.62 -1.08
C5 OLA N . -11.03 9.64 0.06
C6 OLA N . -11.26 9.00 1.42
C7 OLA N . -11.37 10.06 2.52
C8 OLA N . -10.51 9.72 3.73
C9 OLA N . -10.90 10.57 4.92
C10 OLA N . -11.12 10.01 6.12
C24 OLC O . 12.96 41.59 9.68
C6 OLC O . 12.18 41.51 0.50
C5 OLC O . 11.03 40.75 1.15
C4 OLC O . 11.26 40.62 2.66
C3 OLC O . 12.42 39.69 2.95
C2 OLC O . 13.44 40.31 3.91
C21 OLC O . 13.62 41.46 7.25
C1 OLC O . 13.14 39.97 5.33
C22 OLC O . 14.03 41.15 8.67
O19 OLC O . 12.14 39.34 5.63
O25 OLC O . 13.60 42.18 10.81
O23 OLC O . 14.25 39.75 8.74
O20 OLC O . 14.03 40.39 6.40
C3 OLA P . 29.24 35.40 0.27
C4 OLA P . 27.79 35.06 0.63
C5 OLA P . 26.94 34.80 -0.62
C6 OLA P . 25.48 35.20 -0.37
C7 OLA P . 24.53 34.63 -1.43
C8 OLA P . 23.26 34.07 -0.78
C9 OLA P . 22.23 33.80 -1.84
C10 OLA P . 21.63 32.60 -2.02
C11 OLA P . 21.90 31.38 -1.17
C12 OLA P . 20.91 30.26 -1.52
C13 OLA P . 21.50 28.86 -1.49
C14 OLA P . 21.26 28.11 -2.80
C15 OLA P . 21.54 26.62 -2.69
#